data_5UL3
#
_entry.id   5UL3
#
_cell.length_a   89.357
_cell.length_b   99.595
_cell.length_c   121.439
_cell.angle_alpha   90.00
_cell.angle_beta   90.00
_cell.angle_gamma   90.00
#
_symmetry.space_group_name_H-M   'P 21 21 21'
#
loop_
_entity.id
_entity.type
_entity.pdbx_description
1 polymer 'OxsB protein'
2 non-polymer 'IRON/SULFUR CLUSTER'
3 non-polymer COBALAMIN
4 non-polymer 2,3-DIHYDROXY-1,4-DITHIOBUTANE
5 non-polymer '2-(N-MORPHOLINO)-ETHANESULFONIC ACID'
6 non-polymer 1,2-ETHANEDIOL
7 water water
#
_entity_poly.entity_id   1
_entity_poly.type   'polypeptide(L)'
_entity_poly.pdbx_seq_one_letter_code
;MQTYLSTKSIEYYLKELKEIFSQIWLKPSEIEKRCEELFKRSKEFDYKRILVSGETDNTTLYVIEDSSKIHVFSPNRDLR
ENPLLMRWHPSWYEIESKEIYYKCFLSCEELYEHLELPTVTLVNLCVIENFPIPRLNLSTGTLSSYLRKEQLAKVELIDM
QVGTTINQIIKNLLDSQPDIIGLSVNFGQKKLAFEILDLIYSHIENGDLSSIITVGNVIPSFSPEQFFERYPSLLICDKE
GEYTLRDLIKMLKKELKLDEVNGISYVDESGEVKHNVAETVNFKEEVPTPSLDILGEISKFRGALTLETSRGCDYSRCTF
CPRDHKLRSWRPLSVEQTLKQLDDILRAGKHFNIKPHIYMADEEFIGELPNGTEAQRIIDICEGLLKREEKIKFDFAARA
DSVYEPKRTKEWNVERLKMWHYCALAGADRIFIGVESGSNQQLKRYGKGTTSEQNIIALRLVSALGINLRIGFIMFDQLM
KGLDNLKENLDFLERTDALMKPIDIGDMTYEELYDKLLNDKEFIEKHKTGKPVYTIVSYMLASMEILMNTPYSRMVQLTE
RKEEVNLIMNDGKPDMNMGRYATSFVDKTNGNLSEACQMWIDSNFGVMYTIKSLHKVANPREKKKLYSYMETHREISHFL
LKYLVYNLSPDKESQIILSDFLRMHSMEHILDNSKINVGDGSKENILNVMTNWQLIMEKLLRDVEADLNKGIITDSEDHR
LHNTLKRWFSDMGNWSLINAYELN
;
_entity_poly.pdbx_strand_id   A
#
loop_
_chem_comp.id
_chem_comp.type
_chem_comp.name
_chem_comp.formula
B12 non-polymer COBALAMIN 'C62 H89 Co N13 O14 P 2'
DTT non-polymer 2,3-DIHYDROXY-1,4-DITHIOBUTANE 'C4 H10 O2 S2'
EDO non-polymer 1,2-ETHANEDIOL 'C2 H6 O2'
MES non-polymer '2-(N-MORPHOLINO)-ETHANESULFONIC ACID' 'C6 H13 N O4 S'
SF4 non-polymer 'IRON/SULFUR CLUSTER' 'Fe4 S4'
#
# COMPACT_ATOMS: atom_id res chain seq x y z
N SER A 6 -48.69 9.07 -1.24
CA SER A 6 -49.34 7.98 -1.96
C SER A 6 -48.54 6.69 -1.84
N THR A 7 -49.15 5.65 -1.27
CA THR A 7 -48.41 4.42 -0.96
C THR A 7 -47.97 3.68 -2.22
N LYS A 8 -48.74 3.74 -3.30
CA LYS A 8 -48.26 3.13 -4.53
C LYS A 8 -47.03 3.85 -5.06
N SER A 9 -47.02 5.18 -5.01
CA SER A 9 -45.86 5.93 -5.46
C SER A 9 -44.66 5.74 -4.55
N ILE A 10 -44.89 5.50 -3.26
CA ILE A 10 -43.78 5.26 -2.34
C ILE A 10 -43.05 3.98 -2.70
N GLU A 11 -43.82 2.91 -2.93
CA GLU A 11 -43.24 1.64 -3.35
C GLU A 11 -42.45 1.80 -4.64
N TYR A 12 -43.05 2.48 -5.61
CA TYR A 12 -42.37 2.73 -6.87
C TYR A 12 -41.10 3.54 -6.67
N TYR A 13 -41.15 4.55 -5.79
CA TYR A 13 -39.99 5.40 -5.58
C TYR A 13 -38.85 4.64 -4.92
N LEU A 14 -39.16 3.79 -3.93
CA LEU A 14 -38.13 3.00 -3.27
C LEU A 14 -37.51 1.99 -4.22
N LYS A 15 -38.34 1.30 -5.01
CA LYS A 15 -37.83 0.32 -5.95
C LYS A 15 -36.89 0.96 -6.96
N GLU A 16 -37.31 2.10 -7.53
CA GLU A 16 -36.46 2.80 -8.48
C GLU A 16 -35.20 3.34 -7.81
N LEU A 17 -35.32 3.79 -6.56
CA LEU A 17 -34.16 4.31 -5.85
C LEU A 17 -33.18 3.18 -5.55
N LYS A 18 -33.70 2.02 -5.17
CA LYS A 18 -32.84 0.86 -4.94
C LYS A 18 -32.01 0.52 -6.17
N GLU A 19 -32.60 0.69 -7.37
N GLU A 19 -32.61 0.68 -7.36
CA GLU A 19 -31.87 0.42 -8.59
CA GLU A 19 -31.88 0.42 -8.59
C GLU A 19 -30.86 1.51 -8.89
C GLU A 19 -30.86 1.51 -8.88
N ILE A 20 -31.22 2.77 -8.61
CA ILE A 20 -30.28 3.86 -8.81
C ILE A 20 -29.09 3.70 -7.87
N PHE A 21 -29.37 3.44 -6.59
CA PHE A 21 -28.32 3.39 -5.58
C PHE A 21 -27.42 2.17 -5.74
N SER A 22 -27.87 1.14 -6.45
CA SER A 22 -27.03 -0.03 -6.70
C SER A 22 -25.85 0.30 -7.59
N GLN A 23 -25.86 1.45 -8.27
CA GLN A 23 -24.76 1.84 -9.15
C GLN A 23 -23.74 2.63 -8.32
N ILE A 24 -23.02 1.87 -7.48
CA ILE A 24 -22.19 2.49 -6.45
C ILE A 24 -20.93 3.14 -7.00
N TRP A 25 -20.65 3.00 -8.30
CA TRP A 25 -19.55 3.72 -8.92
C TRP A 25 -19.89 5.15 -9.31
N LEU A 26 -21.17 5.51 -9.36
CA LEU A 26 -21.51 6.87 -9.75
C LEU A 26 -21.22 7.81 -8.60
N LYS A 27 -20.81 9.03 -8.95
CA LYS A 27 -20.58 10.07 -7.96
C LYS A 27 -21.91 10.59 -7.43
N PRO A 28 -21.91 11.14 -6.21
CA PRO A 28 -23.20 11.53 -5.61
C PRO A 28 -23.98 12.55 -6.43
N SER A 29 -23.31 13.44 -7.18
CA SER A 29 -24.03 14.37 -8.04
CA SER A 29 -24.03 14.37 -8.04
C SER A 29 -24.75 13.66 -9.17
N GLU A 30 -24.14 12.60 -9.71
CA GLU A 30 -24.79 11.82 -10.77
C GLU A 30 -25.94 10.99 -10.20
N ILE A 31 -25.77 10.43 -9.00
CA ILE A 31 -26.89 9.80 -8.33
C ILE A 31 -28.02 10.80 -8.11
N GLU A 32 -27.66 12.02 -7.69
CA GLU A 32 -28.69 13.02 -7.42
C GLU A 32 -29.43 13.39 -8.72
N LYS A 33 -28.69 13.49 -9.82
CA LYS A 33 -29.32 13.76 -11.12
C LYS A 33 -30.39 12.74 -11.43
N ARG A 34 -30.06 11.46 -11.27
CA ARG A 34 -31.04 10.41 -11.55
C ARG A 34 -32.19 10.43 -10.55
N CYS A 35 -31.94 10.91 -9.34
CA CYS A 35 -33.03 11.04 -8.37
C CYS A 35 -33.98 12.18 -8.74
N GLU A 36 -33.43 13.30 -9.22
CA GLU A 36 -34.29 14.40 -9.66
C GLU A 36 -35.17 13.97 -10.83
N GLU A 37 -34.59 13.26 -11.80
CA GLU A 37 -35.35 12.82 -12.96
C GLU A 37 -36.43 11.82 -12.58
N LEU A 38 -36.21 11.05 -11.51
CA LEU A 38 -37.21 10.10 -11.07
C LEU A 38 -38.37 10.78 -10.35
N PHE A 39 -38.10 11.85 -9.62
CA PHE A 39 -39.15 12.52 -8.87
C PHE A 39 -39.84 13.61 -9.68
N LYS A 40 -39.19 14.14 -10.70
CA LYS A 40 -39.83 15.03 -11.67
C LYS A 40 -40.65 14.27 -12.71
N ARG A 41 -40.71 12.93 -12.64
CA ARG A 41 -41.47 12.14 -13.59
C ARG A 41 -42.97 12.18 -13.34
N SER A 42 -43.41 12.78 -12.24
CA SER A 42 -44.82 13.00 -11.96
C SER A 42 -45.03 14.47 -11.65
N LYS A 43 -46.00 15.10 -12.30
CA LYS A 43 -46.48 16.40 -11.87
C LYS A 43 -47.22 16.33 -10.55
N GLU A 44 -47.49 15.11 -10.04
CA GLU A 44 -48.15 14.88 -8.76
C GLU A 44 -47.17 14.89 -7.59
N PHE A 45 -46.17 15.75 -7.66
CA PHE A 45 -45.17 15.94 -6.61
C PHE A 45 -44.21 17.05 -7.02
N ASP A 46 -44.17 18.14 -6.25
CA ASP A 46 -43.16 19.17 -6.43
C ASP A 46 -42.39 19.35 -5.14
N TYR A 47 -41.10 19.66 -5.28
CA TYR A 47 -40.18 19.75 -4.17
C TYR A 47 -39.21 20.90 -4.41
N LYS A 48 -38.56 21.34 -3.34
CA LYS A 48 -37.63 22.46 -3.45
C LYS A 48 -36.19 22.01 -3.66
N ARG A 49 -35.72 21.03 -2.90
CA ARG A 49 -34.36 20.53 -3.12
C ARG A 49 -34.26 19.10 -2.63
N ILE A 50 -33.21 18.42 -3.09
CA ILE A 50 -32.94 17.06 -2.67
C ILE A 50 -31.49 16.96 -2.20
N LEU A 51 -31.23 15.94 -1.39
CA LEU A 51 -29.92 15.62 -0.85
C LEU A 51 -29.80 14.11 -0.85
N VAL A 52 -28.67 13.59 -1.35
CA VAL A 52 -28.34 12.18 -1.21
C VAL A 52 -27.15 12.09 -0.25
N SER A 53 -27.23 11.20 0.72
CA SER A 53 -26.09 10.92 1.59
C SER A 53 -26.11 9.43 1.89
N GLY A 54 -25.26 8.99 2.82
CA GLY A 54 -25.10 7.56 3.04
C GLY A 54 -24.28 6.97 1.90
N GLU A 55 -24.11 5.65 1.92
CA GLU A 55 -23.34 4.95 0.90
C GLU A 55 -23.75 3.48 0.88
N THR A 56 -23.47 2.82 -0.26
CA THR A 56 -23.85 1.43 -0.53
C THR A 56 -25.16 1.00 0.13
N ASP A 57 -25.09 0.23 1.22
CA ASP A 57 -26.29 -0.37 1.80
C ASP A 57 -27.03 0.55 2.77
N ASN A 58 -26.73 1.86 2.76
CA ASN A 58 -27.47 2.78 3.61
C ASN A 58 -27.70 4.11 2.91
N THR A 59 -27.50 4.16 1.59
CA THR A 59 -27.71 5.38 0.84
C THR A 59 -29.15 5.88 1.04
N THR A 60 -29.27 7.18 1.23
CA THR A 60 -30.50 7.81 1.70
C THR A 60 -30.79 9.03 0.84
N LEU A 61 -32.05 9.21 0.44
CA LEU A 61 -32.50 10.40 -0.26
C LEU A 61 -33.42 11.23 0.63
N TYR A 62 -33.13 12.52 0.74
CA TYR A 62 -34.03 13.48 1.37
C TYR A 62 -34.67 14.32 0.27
N VAL A 63 -35.99 14.38 0.26
CA VAL A 63 -36.72 15.27 -0.63
C VAL A 63 -37.31 16.36 0.26
N ILE A 64 -36.79 17.58 0.12
CA ILE A 64 -37.23 18.71 0.93
C ILE A 64 -38.33 19.42 0.15
N GLU A 65 -39.60 19.20 0.55
CA GLU A 65 -40.71 19.94 -0.06
C GLU A 65 -40.60 21.41 0.33
N ASP A 66 -40.61 21.68 1.64
N ASP A 66 -40.82 21.73 1.59
CA ASP A 66 -39.92 22.83 2.22
CA ASP A 66 -40.92 23.15 1.93
C ASP A 66 -39.37 22.39 3.59
C ASP A 66 -40.35 23.36 3.32
N SER A 67 -38.95 23.35 4.41
N SER A 67 -40.71 24.47 3.95
CA SER A 67 -38.38 22.99 5.71
CA SER A 67 -40.25 24.79 5.29
C SER A 67 -39.39 22.35 6.66
C SER A 67 -40.97 23.99 6.37
N SER A 68 -40.69 22.45 6.36
N SER A 68 -41.66 22.90 5.99
CA SER A 68 -41.73 21.90 7.21
CA SER A 68 -42.33 22.07 7.00
C SER A 68 -42.27 20.57 6.71
C SER A 68 -42.56 20.64 6.54
N LYS A 69 -41.85 20.12 5.53
CA LYS A 69 -42.21 18.81 4.99
CA LYS A 69 -42.21 18.81 4.99
C LYS A 69 -40.98 18.21 4.33
N ILE A 70 -40.38 17.20 4.96
CA ILE A 70 -39.16 16.56 4.50
C ILE A 70 -39.42 15.06 4.38
N HIS A 71 -39.29 14.52 3.16
CA HIS A 71 -39.43 13.08 2.92
C HIS A 71 -38.05 12.42 2.98
N VAL A 72 -38.00 11.22 3.55
CA VAL A 72 -36.74 10.49 3.66
C VAL A 72 -36.97 9.08 3.13
N PHE A 73 -36.14 8.68 2.16
CA PHE A 73 -36.19 7.36 1.53
C PHE A 73 -34.90 6.60 1.83
N SER A 74 -35.03 5.38 2.34
CA SER A 74 -33.87 4.54 2.69
C SER A 74 -34.13 3.14 2.16
N PRO A 75 -33.91 2.90 0.87
CA PRO A 75 -34.34 1.63 0.27
C PRO A 75 -33.53 0.43 0.72
N ASN A 76 -32.32 0.64 1.23
CA ASN A 76 -31.41 -0.45 1.57
C ASN A 76 -31.27 -0.70 3.06
N ARG A 77 -31.86 0.14 3.90
CA ARG A 77 -31.67 -0.05 5.33
C ARG A 77 -32.81 0.58 6.11
N ASP A 78 -33.20 -0.08 7.20
CA ASP A 78 -34.15 0.46 8.16
C ASP A 78 -33.80 1.89 8.50
N LEU A 79 -34.74 2.80 8.23
CA LEU A 79 -34.53 4.21 8.52
C LEU A 79 -34.22 4.47 9.99
N ARG A 80 -34.66 3.59 10.89
CA ARG A 80 -34.38 3.80 12.30
C ARG A 80 -32.88 3.79 12.62
N GLU A 81 -32.04 3.26 11.71
CA GLU A 81 -30.61 3.26 11.93
C GLU A 81 -29.90 4.48 11.34
N ASN A 82 -30.64 5.39 10.73
CA ASN A 82 -30.06 6.57 10.08
C ASN A 82 -29.35 7.46 11.11
N PRO A 83 -28.05 7.73 10.97
CA PRO A 83 -27.31 8.42 12.02
C PRO A 83 -27.61 9.90 12.07
N LEU A 84 -27.98 10.49 10.92
CA LEU A 84 -28.32 11.90 10.90
C LEU A 84 -29.63 12.13 11.65
N LEU A 85 -30.64 11.31 11.35
CA LEU A 85 -31.90 11.45 12.08
C LEU A 85 -31.70 11.22 13.56
N MET A 86 -30.84 10.26 13.92
CA MET A 86 -30.59 9.96 15.32
C MET A 86 -29.92 11.12 16.05
N ARG A 87 -29.01 11.82 15.38
CA ARG A 87 -28.42 13.02 15.99
C ARG A 87 -29.48 14.11 16.17
N TRP A 88 -30.39 14.25 15.21
CA TRP A 88 -31.43 15.26 15.29
C TRP A 88 -32.46 14.95 16.37
N HIS A 89 -32.84 13.69 16.52
CA HIS A 89 -33.89 13.30 17.47
C HIS A 89 -33.66 11.85 17.88
N PRO A 90 -32.99 11.62 19.01
CA PRO A 90 -32.64 10.25 19.39
C PRO A 90 -33.84 9.34 19.65
N SER A 91 -35.04 9.88 19.81
CA SER A 91 -36.23 9.06 20.02
C SER A 91 -37.30 9.34 18.99
N TRP A 92 -36.93 9.62 17.74
CA TRP A 92 -37.99 9.92 16.79
C TRP A 92 -38.81 8.69 16.43
N TYR A 93 -38.26 7.49 16.57
CA TYR A 93 -38.86 6.30 15.99
C TYR A 93 -39.41 5.36 17.06
N GLU A 94 -40.21 4.39 16.62
CA GLU A 94 -40.76 3.36 17.50
C GLU A 94 -39.80 2.17 17.55
N ILE A 95 -39.36 1.81 18.77
CA ILE A 95 -38.38 0.74 18.95
C ILE A 95 -38.95 -0.60 18.51
N GLU A 96 -40.26 -0.77 18.56
CA GLU A 96 -40.91 -2.03 18.18
C GLU A 96 -41.82 -1.77 16.99
N SER A 97 -41.29 -1.95 15.79
CA SER A 97 -42.11 -1.94 14.60
C SER A 97 -41.35 -2.68 13.52
N LYS A 98 -42.05 -3.00 12.44
CA LYS A 98 -41.35 -3.46 11.25
C LYS A 98 -40.38 -2.38 10.79
N GLU A 99 -39.36 -2.79 10.06
CA GLU A 99 -38.41 -1.81 9.54
C GLU A 99 -39.16 -0.81 8.67
N ILE A 100 -38.68 0.43 8.67
CA ILE A 100 -39.33 1.48 7.91
C ILE A 100 -38.32 2.05 6.92
N TYR A 101 -38.77 2.26 5.68
CA TYR A 101 -37.88 2.71 4.63
C TYR A 101 -38.27 4.07 4.12
N TYR A 102 -39.38 4.63 4.62
CA TYR A 102 -39.83 5.95 4.23
C TYR A 102 -40.42 6.65 5.45
N LYS A 103 -40.28 7.97 5.48
CA LYS A 103 -40.91 8.75 6.53
C LYS A 103 -41.00 10.20 6.06
N CYS A 104 -42.14 10.83 6.31
CA CYS A 104 -42.29 12.26 6.07
C CYS A 104 -42.28 12.97 7.42
N PHE A 105 -41.36 13.93 7.58
CA PHE A 105 -41.22 14.69 8.82
C PHE A 105 -41.89 16.04 8.64
N LEU A 106 -42.87 16.34 9.51
CA LEU A 106 -43.71 17.51 9.37
C LEU A 106 -43.40 18.53 10.46
N SER A 107 -43.21 19.79 10.07
CA SER A 107 -42.93 20.88 11.00
C SER A 107 -41.74 20.57 11.91
N CYS A 108 -40.69 20.01 11.32
CA CYS A 108 -39.46 19.68 12.04
C CYS A 108 -38.40 20.69 11.61
N GLU A 109 -38.48 21.89 12.19
CA GLU A 109 -37.68 23.01 11.72
C GLU A 109 -36.18 22.74 11.84
N GLU A 110 -35.75 22.18 12.97
CA GLU A 110 -34.33 21.96 13.18
C GLU A 110 -33.75 20.88 12.27
N LEU A 111 -34.60 20.00 11.71
CA LEU A 111 -34.08 18.95 10.84
C LEU A 111 -33.45 19.55 9.60
N TYR A 112 -34.00 20.65 9.08
CA TYR A 112 -33.41 21.28 7.90
CA TYR A 112 -33.42 21.32 7.92
C TYR A 112 -31.97 21.65 8.14
N GLU A 113 -31.65 22.19 9.32
CA GLU A 113 -30.28 22.57 9.64
C GLU A 113 -29.36 21.37 9.59
N HIS A 114 -29.83 20.21 10.08
CA HIS A 114 -29.01 19.00 10.02
C HIS A 114 -28.75 18.60 8.57
N LEU A 115 -29.64 18.96 7.65
CA LEU A 115 -29.49 18.56 6.25
C LEU A 115 -28.62 19.53 5.45
N GLU A 116 -28.21 20.64 6.05
CA GLU A 116 -27.28 21.58 5.40
C GLU A 116 -25.85 21.10 5.66
N LEU A 117 -25.49 20.04 4.94
CA LEU A 117 -24.18 19.41 5.15
C LEU A 117 -23.07 20.31 4.62
N PRO A 118 -21.95 20.41 5.34
CA PRO A 118 -20.78 21.09 4.78
C PRO A 118 -20.20 20.25 3.65
N THR A 119 -19.36 20.89 2.85
CA THR A 119 -18.69 20.23 1.74
C THR A 119 -17.22 20.05 2.11
N VAL A 120 -16.71 18.84 1.87
CA VAL A 120 -15.32 18.48 2.10
C VAL A 120 -14.75 18.01 0.78
N THR A 121 -13.64 18.61 0.34
CA THR A 121 -12.92 18.13 -0.84
C THR A 121 -11.60 17.51 -0.37
N LEU A 122 -11.37 16.26 -0.78
CA LEU A 122 -10.16 15.51 -0.44
C LEU A 122 -9.41 15.25 -1.73
N VAL A 123 -8.12 15.56 -1.72
CA VAL A 123 -7.27 15.51 -2.91
C VAL A 123 -6.13 14.52 -2.66
N ASN A 124 -6.05 13.47 -3.47
CA ASN A 124 -4.91 12.56 -3.44
C ASN A 124 -3.84 13.08 -4.39
N LEU A 125 -2.64 13.38 -3.86
CA LEU A 125 -1.57 13.84 -4.74
C LEU A 125 -0.88 12.65 -5.40
N CYS A 126 -0.20 12.94 -6.52
CA CYS A 126 0.52 11.91 -7.27
C CYS A 126 1.52 12.60 -8.18
N VAL A 127 2.76 12.12 -8.16
CA VAL A 127 3.75 12.49 -9.17
C VAL A 127 3.59 11.44 -10.27
N ILE A 128 2.82 11.78 -11.31
CA ILE A 128 2.42 10.76 -12.27
C ILE A 128 3.60 10.25 -13.09
N GLU A 129 4.70 11.00 -13.16
CA GLU A 129 5.90 10.49 -13.84
C GLU A 129 6.37 9.20 -13.18
N ASN A 130 6.36 9.15 -11.85
CA ASN A 130 6.90 8.02 -11.12
C ASN A 130 5.89 6.91 -10.87
N PHE A 131 4.59 7.20 -10.99
CA PHE A 131 3.54 6.23 -10.74
C PHE A 131 2.46 6.41 -11.80
N PRO A 132 2.67 5.83 -12.99
CA PRO A 132 1.71 6.03 -14.08
C PRO A 132 0.47 5.16 -14.02
N ILE A 133 0.51 4.04 -13.30
CA ILE A 133 -0.59 3.08 -13.27
C ILE A 133 -1.32 3.24 -11.93
N PRO A 134 -2.54 3.75 -11.92
CA PRO A 134 -3.19 4.07 -10.65
C PRO A 134 -3.68 2.84 -9.92
N ARG A 135 -3.93 3.01 -8.62
CA ARG A 135 -4.68 2.05 -7.82
C ARG A 135 -5.70 2.83 -7.00
N LEU A 136 -6.86 2.23 -6.80
CA LEU A 136 -7.91 2.84 -5.99
C LEU A 136 -7.32 3.44 -4.73
N ASN A 137 -7.52 4.74 -4.52
CA ASN A 137 -6.86 5.42 -3.41
C ASN A 137 -7.69 5.28 -2.14
N LEU A 138 -7.21 4.45 -1.22
CA LEU A 138 -7.92 4.23 0.04
C LEU A 138 -7.74 5.40 1.00
N SER A 139 -6.60 6.08 0.92
CA SER A 139 -6.31 7.20 1.82
C SER A 139 -7.47 8.17 1.85
N THR A 140 -7.93 8.58 0.65
CA THR A 140 -9.08 9.47 0.56
C THR A 140 -10.39 8.71 0.44
N GLY A 141 -10.39 7.52 -0.17
CA GLY A 141 -11.63 6.80 -0.39
C GLY A 141 -12.32 6.37 0.90
N THR A 142 -11.55 5.97 1.91
CA THR A 142 -12.17 5.58 3.17
C THR A 142 -12.56 6.79 4.02
N LEU A 143 -11.84 7.91 3.91
CA LEU A 143 -12.30 9.12 4.58
C LEU A 143 -13.64 9.56 4.02
N SER A 144 -13.76 9.54 2.69
CA SER A 144 -15.04 9.86 2.04
C SER A 144 -16.15 8.93 2.50
N SER A 145 -15.92 7.61 2.45
CA SER A 145 -17.02 6.71 2.75
C SER A 145 -17.43 6.78 4.22
N TYR A 146 -16.46 6.98 5.11
CA TYR A 146 -16.78 7.19 6.53
C TYR A 146 -17.71 8.40 6.70
N LEU A 147 -17.35 9.54 6.10
CA LEU A 147 -18.16 10.75 6.23
C LEU A 147 -19.54 10.58 5.59
N ARG A 148 -19.61 9.88 4.44
CA ARG A 148 -20.92 9.67 3.81
C ARG A 148 -21.79 8.75 4.64
N LYS A 149 -21.22 7.68 5.19
CA LYS A 149 -22.03 6.75 5.96
C LYS A 149 -22.56 7.41 7.24
N GLU A 150 -21.75 8.24 7.88
CA GLU A 150 -22.21 9.01 9.03
C GLU A 150 -23.09 10.20 8.63
N GLN A 151 -23.23 10.45 7.34
CA GLN A 151 -23.96 11.58 6.77
C GLN A 151 -23.52 12.89 7.40
N LEU A 152 -22.20 13.08 7.46
CA LEU A 152 -21.62 14.27 8.07
C LEU A 152 -21.29 15.36 7.05
N ALA A 153 -21.09 15.02 5.79
CA ALA A 153 -20.65 16.00 4.81
C ALA A 153 -20.93 15.46 3.42
N LYS A 154 -21.07 16.38 2.47
CA LYS A 154 -20.90 16.07 1.06
C LYS A 154 -19.40 16.05 0.76
N VAL A 155 -18.91 14.97 0.19
CA VAL A 155 -17.49 14.79 -0.03
C VAL A 155 -17.23 14.76 -1.53
N GLU A 156 -16.24 15.52 -1.95
CA GLU A 156 -15.75 15.51 -3.34
C GLU A 156 -14.34 14.94 -3.34
N LEU A 157 -14.08 14.01 -4.25
CA LEU A 157 -12.78 13.34 -4.36
C LEU A 157 -12.08 13.81 -5.62
N ILE A 158 -10.81 14.19 -5.48
CA ILE A 158 -9.94 14.52 -6.59
C ILE A 158 -8.70 13.65 -6.47
N ASP A 159 -8.29 13.01 -7.58
CA ASP A 159 -7.16 12.09 -7.56
C ASP A 159 -6.21 12.45 -8.70
N MET A 160 -5.02 12.95 -8.35
CA MET A 160 -3.99 13.21 -9.36
C MET A 160 -3.50 11.95 -10.04
N GLN A 161 -3.80 10.75 -9.51
CA GLN A 161 -3.36 9.53 -10.18
C GLN A 161 -3.94 9.42 -11.57
N VAL A 162 -5.13 9.95 -11.81
CA VAL A 162 -5.79 9.81 -13.09
C VAL A 162 -5.56 11.04 -13.97
N GLY A 163 -4.52 11.82 -13.68
CA GLY A 163 -4.06 12.87 -14.55
C GLY A 163 -4.51 14.28 -14.19
N THR A 164 -5.34 14.44 -13.17
CA THR A 164 -5.79 15.78 -12.79
C THR A 164 -4.60 16.65 -12.42
N THR A 165 -4.48 17.82 -13.07
CA THR A 165 -3.36 18.71 -12.86
C THR A 165 -3.60 19.67 -11.70
N ILE A 166 -2.52 20.32 -11.25
CA ILE A 166 -2.61 21.34 -10.22
C ILE A 166 -3.63 22.41 -10.59
N ASN A 167 -3.59 22.91 -11.83
N ASN A 167 -3.58 22.90 -11.84
CA ASN A 167 -4.54 23.95 -12.20
CA ASN A 167 -4.53 23.92 -12.27
C ASN A 167 -5.97 23.41 -12.30
C ASN A 167 -5.95 23.39 -12.26
N GLN A 168 -6.14 22.13 -12.66
CA GLN A 168 -7.47 21.55 -12.65
C GLN A 168 -7.98 21.37 -11.22
N ILE A 169 -7.09 21.04 -10.28
CA ILE A 169 -7.50 20.97 -8.88
C ILE A 169 -8.05 22.31 -8.42
N ILE A 170 -7.31 23.39 -8.68
CA ILE A 170 -7.73 24.71 -8.22
C ILE A 170 -9.06 25.10 -8.86
N LYS A 171 -9.19 24.87 -10.16
CA LYS A 171 -10.45 25.12 -10.86
C LYS A 171 -11.59 24.36 -10.19
N ASN A 172 -11.35 23.08 -9.87
N ASN A 172 -11.35 23.08 -9.87
CA ASN A 172 -12.35 22.26 -9.20
CA ASN A 172 -12.37 22.26 -9.21
C ASN A 172 -12.76 22.86 -7.86
C ASN A 172 -12.76 22.86 -7.86
N LEU A 173 -11.77 23.31 -7.08
CA LEU A 173 -12.07 23.89 -5.77
C LEU A 173 -12.91 25.15 -5.89
N LEU A 174 -12.57 26.02 -6.84
CA LEU A 174 -13.32 27.25 -6.99
C LEU A 174 -14.77 26.95 -7.35
N ASP A 175 -15.00 25.90 -8.14
CA ASP A 175 -16.36 25.54 -8.55
C ASP A 175 -17.15 24.94 -7.40
N SER A 176 -16.53 24.05 -6.61
N SER A 176 -16.53 24.05 -6.61
CA SER A 176 -17.27 23.34 -5.57
CA SER A 176 -17.26 23.34 -5.57
C SER A 176 -17.41 24.14 -4.27
C SER A 176 -17.40 24.13 -4.27
N GLN A 177 -16.52 25.10 -4.01
CA GLN A 177 -16.59 25.93 -2.82
C GLN A 177 -16.64 25.12 -1.53
N PRO A 178 -15.64 24.28 -1.29
CA PRO A 178 -15.67 23.42 -0.09
C PRO A 178 -15.50 24.21 1.18
N ASP A 179 -16.01 23.64 2.27
CA ASP A 179 -15.76 24.20 3.60
C ASP A 179 -14.48 23.68 4.23
N ILE A 180 -14.06 22.47 3.85
CA ILE A 180 -12.81 21.88 4.32
C ILE A 180 -12.09 21.33 3.11
N ILE A 181 -10.80 21.61 2.98
CA ILE A 181 -9.99 21.05 1.91
C ILE A 181 -8.92 20.19 2.57
N GLY A 182 -8.76 18.97 2.10
CA GLY A 182 -7.73 18.09 2.62
C GLY A 182 -6.86 17.54 1.52
N LEU A 183 -5.54 17.56 1.76
CA LEU A 183 -4.57 16.94 0.86
C LEU A 183 -3.94 15.74 1.54
N SER A 184 -3.86 14.62 0.82
CA SER A 184 -3.08 13.46 1.26
C SER A 184 -1.68 13.59 0.68
N VAL A 185 -0.67 13.70 1.54
CA VAL A 185 0.69 14.05 1.17
C VAL A 185 1.59 12.86 1.49
N ASN A 186 2.11 12.21 0.46
CA ASN A 186 2.88 10.99 0.57
C ASN A 186 4.34 11.26 0.23
N PHE A 187 5.17 10.22 0.40
CA PHE A 187 6.58 10.29 0.05
C PHE A 187 6.79 10.93 -1.32
N GLY A 188 7.72 11.88 -1.38
CA GLY A 188 8.09 12.52 -2.63
C GLY A 188 7.17 13.62 -3.09
N GLN A 189 6.15 13.96 -2.31
CA GLN A 189 5.12 14.89 -2.74
C GLN A 189 5.21 16.26 -2.06
N LYS A 190 6.31 16.54 -1.34
CA LYS A 190 6.43 17.83 -0.66
C LYS A 190 6.27 19.00 -1.65
N LYS A 191 7.03 18.97 -2.75
CA LYS A 191 7.01 20.07 -3.71
C LYS A 191 5.62 20.26 -4.32
N LEU A 192 4.96 19.16 -4.69
CA LEU A 192 3.59 19.21 -5.20
C LEU A 192 2.63 19.77 -4.14
N ALA A 193 2.75 19.30 -2.90
CA ALA A 193 1.90 19.79 -1.83
C ALA A 193 2.08 21.29 -1.64
N PHE A 194 3.33 21.77 -1.60
CA PHE A 194 3.56 23.19 -1.35
C PHE A 194 3.01 24.05 -2.49
N GLU A 195 3.14 23.58 -3.74
CA GLU A 195 2.59 24.31 -4.87
C GLU A 195 1.07 24.41 -4.76
N ILE A 196 0.41 23.30 -4.43
CA ILE A 196 -1.05 23.31 -4.33
C ILE A 196 -1.49 24.16 -3.14
N LEU A 197 -0.81 24.01 -1.99
CA LEU A 197 -1.14 24.83 -0.82
C LEU A 197 -0.93 26.31 -1.11
N ASP A 198 0.17 26.66 -1.78
CA ASP A 198 0.41 28.05 -2.16
C ASP A 198 -0.80 28.63 -2.90
N LEU A 199 -1.30 27.90 -3.91
CA LEU A 199 -2.43 28.36 -4.72
C LEU A 199 -3.73 28.40 -3.91
N ILE A 200 -3.94 27.43 -3.03
CA ILE A 200 -5.12 27.43 -2.19
C ILE A 200 -5.14 28.69 -1.32
N TYR A 201 -4.02 28.97 -0.64
CA TYR A 201 -4.00 30.13 0.26
C TYR A 201 -4.04 31.44 -0.51
N SER A 202 -3.42 31.50 -1.70
CA SER A 202 -3.53 32.74 -2.47
C SER A 202 -4.97 33.00 -2.90
N HIS A 203 -5.76 31.94 -3.14
CA HIS A 203 -7.16 32.15 -3.48
C HIS A 203 -8.02 32.42 -2.24
N ILE A 204 -7.68 31.86 -1.09
CA ILE A 204 -8.35 32.27 0.13
C ILE A 204 -8.12 33.76 0.37
N GLU A 205 -6.87 34.20 0.19
CA GLU A 205 -6.50 35.59 0.37
C GLU A 205 -7.26 36.49 -0.60
N ASN A 206 -7.56 35.99 -1.78
CA ASN A 206 -8.29 36.75 -2.80
C ASN A 206 -9.80 36.72 -2.60
N GLY A 207 -10.30 35.98 -1.61
CA GLY A 207 -11.73 35.84 -1.44
C GLY A 207 -12.42 34.89 -2.40
N ASP A 208 -11.67 34.02 -3.08
CA ASP A 208 -12.25 33.04 -3.99
C ASP A 208 -12.61 31.73 -3.30
N LEU A 209 -12.00 31.45 -2.15
CA LEU A 209 -12.23 30.25 -1.35
C LEU A 209 -12.29 30.66 0.11
N SER A 210 -13.05 29.91 0.90
N SER A 210 -13.10 29.93 0.89
CA SER A 210 -12.99 30.05 2.36
CA SER A 210 -13.08 30.00 2.35
C SER A 210 -13.13 28.65 2.94
C SER A 210 -13.13 28.57 2.86
N SER A 211 -12.04 28.12 3.48
CA SER A 211 -12.01 26.73 3.90
C SER A 211 -11.02 26.53 5.04
N ILE A 212 -11.38 25.61 5.94
CA ILE A 212 -10.40 24.96 6.79
C ILE A 212 -9.51 24.09 5.91
N ILE A 213 -8.20 24.25 6.05
CA ILE A 213 -7.22 23.50 5.26
C ILE A 213 -6.54 22.49 6.17
N THR A 214 -6.48 21.24 5.73
CA THR A 214 -5.78 20.22 6.49
C THR A 214 -4.97 19.34 5.53
N VAL A 215 -3.86 18.77 6.03
CA VAL A 215 -3.11 17.79 5.26
C VAL A 215 -2.96 16.57 6.15
N GLY A 216 -2.86 15.40 5.52
CA GLY A 216 -2.70 14.16 6.25
C GLY A 216 -1.75 13.22 5.55
N ASN A 217 -1.70 11.98 6.03
CA ASN A 217 -0.75 10.95 5.62
C ASN A 217 0.64 11.23 6.22
N VAL A 218 1.59 10.36 5.91
CA VAL A 218 2.77 10.19 6.77
C VAL A 218 3.76 11.36 6.67
N ILE A 219 3.83 12.04 5.53
CA ILE A 219 4.87 13.06 5.34
C ILE A 219 4.65 14.27 6.25
N PRO A 220 3.47 14.91 6.28
CA PRO A 220 3.28 16.00 7.27
C PRO A 220 3.19 15.52 8.70
N SER A 221 2.68 14.30 8.93
CA SER A 221 2.66 13.75 10.28
C SER A 221 4.07 13.67 10.87
N PHE A 222 5.03 13.24 10.08
CA PHE A 222 6.38 13.05 10.59
C PHE A 222 7.16 14.36 10.67
N SER A 223 6.87 15.31 9.78
CA SER A 223 7.64 16.55 9.69
C SER A 223 6.70 17.76 9.66
N PRO A 224 5.98 18.03 10.75
CA PRO A 224 5.02 19.13 10.71
C PRO A 224 5.65 20.51 10.69
N GLU A 225 6.83 20.68 11.28
N GLU A 225 6.84 20.69 11.27
CA GLU A 225 7.43 22.01 11.42
CA GLU A 225 7.42 22.01 11.42
C GLU A 225 7.68 22.67 10.08
C GLU A 225 7.66 22.67 10.06
N GLN A 226 8.08 21.89 9.07
CA GLN A 226 8.30 22.46 7.74
C GLN A 226 7.00 22.97 7.14
N PHE A 227 5.88 22.32 7.46
CA PHE A 227 4.59 22.80 6.97
C PHE A 227 4.11 24.02 7.75
N PHE A 228 4.28 24.02 9.08
CA PHE A 228 3.83 25.15 9.88
C PHE A 228 4.64 26.40 9.59
N GLU A 229 5.91 26.23 9.22
CA GLU A 229 6.76 27.39 8.95
C GLU A 229 6.22 28.20 7.77
N ARG A 230 5.73 27.52 6.75
CA ARG A 230 5.21 28.20 5.56
C ARG A 230 3.70 28.47 5.65
N TYR A 231 2.95 27.61 6.34
CA TYR A 231 1.49 27.76 6.47
C TYR A 231 1.13 27.68 7.94
N PRO A 232 1.19 28.81 8.66
CA PRO A 232 1.01 28.76 10.11
C PRO A 232 -0.38 28.31 10.56
N SER A 233 -1.43 28.54 9.76
CA SER A 233 -2.79 28.18 10.14
C SER A 233 -3.18 26.77 9.73
N LEU A 234 -2.28 26.02 9.10
CA LEU A 234 -2.58 24.68 8.60
C LEU A 234 -2.80 23.72 9.77
N LEU A 235 -3.72 22.78 9.57
CA LEU A 235 -3.99 21.73 10.55
C LEU A 235 -3.48 20.41 9.99
N ILE A 236 -2.66 19.70 10.74
CA ILE A 236 -2.06 18.45 10.27
C ILE A 236 -2.74 17.28 10.97
N CYS A 237 -3.24 16.33 10.19
CA CYS A 237 -3.80 15.10 10.75
C CYS A 237 -2.66 14.12 11.00
N ASP A 238 -2.44 13.80 12.28
CA ASP A 238 -1.26 13.05 12.70
C ASP A 238 -1.38 11.56 12.39
N LYS A 239 -2.58 11.00 12.48
CA LYS A 239 -2.75 9.55 12.30
C LYS A 239 -3.95 9.26 11.40
N GLU A 240 -4.93 8.53 11.89
CA GLU A 240 -6.11 8.28 11.06
C GLU A 240 -6.91 9.57 10.85
N GLY A 241 -7.57 9.66 9.70
CA GLY A 241 -8.27 10.89 9.36
C GLY A 241 -9.76 10.95 9.67
N GLU A 242 -10.39 9.79 9.93
CA GLU A 242 -11.85 9.73 10.02
C GLU A 242 -12.39 10.63 11.12
N TYR A 243 -11.94 10.41 12.35
CA TYR A 243 -12.45 11.20 13.47
C TYR A 243 -11.94 12.64 13.42
N THR A 244 -10.75 12.84 12.86
CA THR A 244 -10.26 14.19 12.63
C THR A 244 -11.24 14.98 11.76
N LEU A 245 -11.67 14.40 10.65
CA LEU A 245 -12.59 15.11 9.76
C LEU A 245 -13.95 15.29 10.42
N ARG A 246 -14.43 14.25 11.11
CA ARG A 246 -15.65 14.40 11.92
C ARG A 246 -15.57 15.62 12.83
N ASP A 247 -14.43 15.80 13.49
CA ASP A 247 -14.32 16.86 14.49
C ASP A 247 -14.08 18.22 13.83
N LEU A 248 -13.42 18.27 12.68
CA LEU A 248 -13.31 19.53 11.95
C LEU A 248 -14.68 20.02 11.51
N ILE A 249 -15.57 19.08 11.16
CA ILE A 249 -16.94 19.43 10.81
C ILE A 249 -17.68 19.98 12.01
N LYS A 250 -17.50 19.35 13.17
CA LYS A 250 -18.07 19.92 14.39
C LYS A 250 -17.49 21.30 14.66
N MET A 251 -16.18 21.49 14.47
CA MET A 251 -15.59 22.81 14.71
C MET A 251 -16.16 23.84 13.75
N LEU A 252 -16.43 23.44 12.49
CA LEU A 252 -17.11 24.32 11.54
C LEU A 252 -18.40 24.86 12.10
N LYS A 253 -19.15 24.00 12.82
CA LYS A 253 -20.44 24.35 13.39
C LYS A 253 -20.31 24.95 14.77
N LYS A 254 -19.09 25.25 15.20
CA LYS A 254 -18.80 25.89 16.49
C LYS A 254 -19.20 24.99 17.66
N GLU A 255 -19.23 23.68 17.41
CA GLU A 255 -19.59 22.68 18.42
C GLU A 255 -18.37 22.05 19.09
N LEU A 256 -17.17 22.39 18.61
CA LEU A 256 -15.91 21.96 19.21
C LEU A 256 -14.92 23.10 19.08
N LYS A 257 -14.03 23.21 20.05
CA LYS A 257 -12.89 24.11 19.90
C LYS A 257 -11.75 23.37 19.21
N LEU A 258 -10.82 24.16 18.66
CA LEU A 258 -9.66 23.58 17.98
C LEU A 258 -8.89 22.63 18.89
N ASP A 259 -8.78 22.94 20.18
CA ASP A 259 -8.00 22.07 21.05
C ASP A 259 -8.76 20.81 21.47
N GLU A 260 -9.96 20.61 20.94
CA GLU A 260 -10.75 19.40 21.14
C GLU A 260 -10.82 18.51 19.91
N VAL A 261 -10.22 18.93 18.79
CA VAL A 261 -10.33 18.20 17.53
C VAL A 261 -9.41 16.99 17.56
N ASN A 262 -9.97 15.81 17.34
CA ASN A 262 -9.22 14.56 17.35
C ASN A 262 -7.98 14.60 16.47
N GLY A 263 -6.85 14.18 17.04
CA GLY A 263 -5.71 13.74 16.23
C GLY A 263 -5.11 14.75 15.28
N ILE A 264 -5.01 16.02 15.68
CA ILE A 264 -4.36 17.02 14.85
C ILE A 264 -3.19 17.65 15.60
N SER A 265 -2.24 18.17 14.83
N SER A 265 -2.24 18.16 14.83
CA SER A 265 -1.21 19.06 15.34
CA SER A 265 -1.21 19.06 15.30
C SER A 265 -1.38 20.42 14.68
C SER A 265 -1.43 20.43 14.69
N TYR A 266 -1.14 21.48 15.45
CA TYR A 266 -1.40 22.83 14.97
C TYR A 266 -0.58 23.82 15.78
N VAL A 267 -0.48 25.04 15.26
CA VAL A 267 0.16 26.15 15.98
C VAL A 267 -0.93 26.90 16.72
N ASP A 268 -0.79 27.02 18.05
CA ASP A 268 -1.82 27.67 18.84
C ASP A 268 -1.60 29.18 18.80
N GLU A 269 -2.27 29.91 19.71
CA GLU A 269 -2.22 31.36 19.70
C GLU A 269 -0.85 31.90 20.12
N SER A 270 -0.14 31.17 20.98
CA SER A 270 1.17 31.59 21.47
C SER A 270 2.32 31.11 20.58
N GLY A 271 2.03 30.70 19.34
CA GLY A 271 3.08 30.23 18.46
C GLY A 271 3.69 28.89 18.80
N GLU A 272 3.07 28.12 19.70
CA GLU A 272 3.57 26.80 20.09
C GLU A 272 2.83 25.70 19.34
N VAL A 273 3.57 24.66 18.96
CA VAL A 273 2.97 23.49 18.33
C VAL A 273 2.26 22.66 19.39
N LYS A 274 0.96 22.42 19.19
CA LYS A 274 0.18 21.55 20.05
C LYS A 274 -0.20 20.28 19.32
N HIS A 275 -0.40 19.20 20.06
CA HIS A 275 -0.88 17.93 19.53
C HIS A 275 -2.11 17.52 20.33
N ASN A 276 -3.18 17.15 19.62
CA ASN A 276 -4.38 16.63 20.24
C ASN A 276 -4.35 15.11 20.17
N VAL A 277 -4.80 14.47 21.25
CA VAL A 277 -4.89 13.02 21.28
C VAL A 277 -5.76 12.49 20.13
N ALA A 278 -5.32 11.40 19.52
CA ALA A 278 -6.06 10.70 18.48
C ALA A 278 -6.65 9.42 19.05
N GLU A 279 -7.97 9.33 19.07
CA GLU A 279 -8.63 8.10 19.49
C GLU A 279 -8.63 7.14 18.30
N THR A 280 -8.05 5.95 18.49
CA THR A 280 -7.98 5.01 17.38
C THR A 280 -9.36 4.67 16.84
N VAL A 281 -9.49 4.67 15.51
CA VAL A 281 -10.80 4.51 14.88
C VAL A 281 -11.36 3.11 15.13
N ASN A 282 -12.67 3.04 15.37
CA ASN A 282 -13.35 1.76 15.48
C ASN A 282 -13.53 1.20 14.07
N PHE A 283 -12.42 0.70 13.52
CA PHE A 283 -12.38 0.26 12.12
C PHE A 283 -13.35 -0.88 11.85
N LYS A 284 -13.49 -1.79 12.81
CA LYS A 284 -14.32 -2.99 12.73
C LYS A 284 -15.64 -2.73 12.04
N GLU A 285 -16.30 -1.64 12.42
CA GLU A 285 -17.65 -1.41 11.94
C GLU A 285 -17.97 0.02 11.51
N GLU A 286 -17.03 0.98 11.62
CA GLU A 286 -17.38 2.33 11.24
C GLU A 286 -16.85 2.76 9.89
N VAL A 287 -15.93 2.00 9.29
CA VAL A 287 -15.32 2.40 8.03
C VAL A 287 -15.87 1.47 6.95
N PRO A 288 -16.74 1.95 6.06
CA PRO A 288 -17.34 1.06 5.05
C PRO A 288 -16.48 0.97 3.81
N THR A 289 -16.99 0.27 2.80
CA THR A 289 -16.42 0.21 1.45
C THR A 289 -15.82 1.56 1.04
N PRO A 290 -14.57 1.62 0.57
CA PRO A 290 -14.04 2.90 0.08
C PRO A 290 -14.94 3.48 -1.01
N SER A 291 -14.98 4.80 -1.07
CA SER A 291 -15.79 5.46 -2.09
C SER A 291 -15.22 5.13 -3.46
N LEU A 292 -16.09 4.96 -4.45
CA LEU A 292 -15.65 4.48 -5.77
C LEU A 292 -15.80 5.54 -6.86
N ASP A 293 -15.90 6.81 -6.47
CA ASP A 293 -16.05 7.93 -7.42
C ASP A 293 -15.01 7.90 -8.53
N ILE A 294 -13.76 7.55 -8.20
CA ILE A 294 -12.65 7.63 -9.15
C ILE A 294 -12.48 6.35 -9.97
N LEU A 295 -13.26 5.31 -9.67
CA LEU A 295 -12.98 4.00 -10.22
C LEU A 295 -13.07 3.99 -11.75
N GLY A 296 -14.09 4.65 -12.31
CA GLY A 296 -14.20 4.72 -13.77
C GLY A 296 -12.95 5.26 -14.44
N GLU A 297 -12.39 6.34 -13.89
CA GLU A 297 -11.16 6.87 -14.46
C GLU A 297 -9.97 5.95 -14.19
N ILE A 298 -9.94 5.30 -13.02
CA ILE A 298 -8.88 4.33 -12.75
C ILE A 298 -8.90 3.22 -13.79
N SER A 299 -10.10 2.77 -14.20
CA SER A 299 -10.17 1.69 -15.17
C SER A 299 -9.67 2.13 -16.54
N LYS A 300 -9.86 3.41 -16.88
CA LYS A 300 -9.37 3.93 -18.15
C LYS A 300 -7.85 3.95 -18.19
N PHE A 301 -7.20 4.06 -17.03
CA PHE A 301 -5.75 3.99 -16.92
C PHE A 301 -5.25 2.59 -16.59
N ARG A 302 -6.11 1.58 -16.72
CA ARG A 302 -5.76 0.19 -16.50
C ARG A 302 -5.27 -0.04 -15.07
N GLY A 303 -5.92 0.64 -14.12
CA GLY A 303 -5.54 0.60 -12.72
C GLY A 303 -6.13 -0.57 -11.95
N ALA A 304 -5.85 -0.58 -10.63
CA ALA A 304 -6.04 -1.76 -9.79
C ALA A 304 -7.04 -1.52 -8.66
N LEU A 305 -7.76 -2.58 -8.30
CA LEU A 305 -8.59 -2.59 -7.10
C LEU A 305 -7.76 -2.86 -5.85
N THR A 306 -8.14 -2.20 -4.76
N THR A 306 -8.13 -2.21 -4.75
CA THR A 306 -7.48 -2.32 -3.47
CA THR A 306 -7.45 -2.45 -3.48
C THR A 306 -8.54 -2.44 -2.38
C THR A 306 -8.46 -2.32 -2.35
N LEU A 307 -8.11 -2.91 -1.21
CA LEU A 307 -8.95 -2.92 -0.02
C LEU A 307 -8.00 -3.08 1.16
N GLU A 308 -8.36 -2.48 2.29
CA GLU A 308 -7.63 -2.68 3.54
C GLU A 308 -8.55 -3.41 4.49
N THR A 309 -8.22 -4.66 4.86
CA THR A 309 -9.15 -5.44 5.69
C THR A 309 -8.76 -5.40 7.17
N SER A 310 -7.69 -4.69 7.51
CA SER A 310 -7.24 -4.50 8.88
C SER A 310 -6.26 -3.34 8.88
N ARG A 311 -6.08 -2.74 10.06
CA ARG A 311 -5.15 -1.63 10.23
C ARG A 311 -4.19 -1.97 11.35
N GLY A 312 -2.94 -1.54 11.19
CA GLY A 312 -1.91 -1.72 12.20
C GLY A 312 -1.17 -3.03 12.10
N CYS A 313 -0.22 -3.19 13.01
CA CYS A 313 0.62 -4.38 13.11
C CYS A 313 0.70 -4.75 14.58
N ASP A 314 0.29 -5.96 14.94
N ASP A 314 0.28 -5.95 14.95
CA ASP A 314 0.33 -6.35 16.35
CA ASP A 314 0.36 -6.31 16.37
C ASP A 314 1.76 -6.63 16.79
C ASP A 314 1.79 -6.56 16.80
N TYR A 315 2.69 -6.87 15.86
CA TYR A 315 4.09 -7.09 16.22
C TYR A 315 4.79 -5.77 16.49
N SER A 316 4.94 -4.94 15.44
CA SER A 316 5.35 -3.54 15.55
C SER A 316 6.76 -3.38 16.11
N ARG A 317 7.61 -4.40 16.05
CA ARG A 317 8.93 -4.37 16.66
C ARG A 317 10.09 -4.31 15.69
N CYS A 318 9.83 -4.39 14.39
CA CYS A 318 10.93 -4.32 13.42
C CYS A 318 11.59 -2.95 13.51
N THR A 319 12.92 -2.92 13.61
CA THR A 319 13.57 -1.69 14.01
C THR A 319 13.59 -0.64 12.91
N PHE A 320 13.39 -1.04 11.66
CA PHE A 320 13.37 -0.14 10.52
C PHE A 320 11.96 0.34 10.17
N CYS A 321 10.95 -0.11 10.88
CA CYS A 321 9.55 0.17 10.52
C CYS A 321 8.94 1.12 11.55
N PRO A 322 8.81 2.42 11.25
CA PRO A 322 8.25 3.33 12.28
C PRO A 322 6.77 3.05 12.49
N ARG A 323 6.34 3.06 13.76
CA ARG A 323 4.97 2.71 14.09
C ARG A 323 4.09 3.92 14.47
N ASP A 324 4.63 5.13 14.43
CA ASP A 324 3.92 6.28 15.02
C ASP A 324 2.71 6.67 14.20
N HIS A 325 2.72 6.41 12.90
CA HIS A 325 1.62 6.79 12.02
C HIS A 325 0.61 5.64 11.85
N LYS A 326 1.11 4.40 11.73
CA LYS A 326 0.28 3.23 11.48
C LYS A 326 -0.22 2.56 12.74
N LEU A 327 0.43 2.83 13.89
CA LEU A 327 0.03 2.43 15.24
C LEU A 327 0.43 0.99 15.58
N ARG A 328 0.33 0.63 16.86
CA ARG A 328 0.97 -0.58 17.38
C ARG A 328 -0.01 -1.65 17.79
N SER A 329 -1.28 -1.53 17.40
CA SER A 329 -2.29 -2.53 17.65
C SER A 329 -2.96 -2.87 16.34
N TRP A 330 -3.58 -4.05 16.27
CA TRP A 330 -4.16 -4.56 15.04
C TRP A 330 -5.67 -4.50 15.14
N ARG A 331 -6.31 -3.84 14.17
CA ARG A 331 -7.76 -3.59 14.17
C ARG A 331 -8.36 -4.21 12.92
N PRO A 332 -8.96 -5.39 13.01
CA PRO A 332 -9.52 -6.06 11.82
C PRO A 332 -10.94 -5.63 11.49
N LEU A 333 -11.23 -5.62 10.19
CA LEU A 333 -12.61 -5.65 9.74
C LEU A 333 -13.25 -6.98 10.14
N SER A 334 -14.56 -6.94 10.44
CA SER A 334 -15.27 -8.20 10.65
C SER A 334 -15.29 -9.02 9.37
N VAL A 335 -15.49 -10.33 9.54
CA VAL A 335 -15.60 -11.23 8.39
C VAL A 335 -16.73 -10.77 7.50
N GLU A 336 -17.91 -10.52 8.08
N GLU A 336 -17.80 -10.25 8.12
CA GLU A 336 -19.07 -10.14 7.29
CA GLU A 336 -18.99 -9.81 7.41
C GLU A 336 -18.76 -8.89 6.49
C GLU A 336 -18.71 -8.54 6.60
N GLN A 337 -18.15 -7.90 7.13
N GLN A 337 -18.08 -7.52 7.22
CA GLN A 337 -17.85 -6.64 6.46
CA GLN A 337 -17.72 -6.33 6.45
C GLN A 337 -16.80 -6.81 5.38
C GLN A 337 -16.67 -6.66 5.38
N THR A 338 -15.72 -7.54 5.69
CA THR A 338 -14.70 -7.89 4.69
C THR A 338 -15.36 -8.47 3.43
N LEU A 339 -16.29 -9.40 3.61
CA LEU A 339 -16.90 -10.04 2.45
C LEU A 339 -17.82 -9.08 1.70
N LYS A 340 -18.52 -8.22 2.44
CA LYS A 340 -19.37 -7.21 1.80
C LYS A 340 -18.53 -6.23 0.99
N GLN A 341 -17.45 -5.71 1.59
CA GLN A 341 -16.64 -4.72 0.89
C GLN A 341 -15.96 -5.35 -0.32
N LEU A 342 -15.50 -6.60 -0.20
CA LEU A 342 -14.93 -7.27 -1.36
C LEU A 342 -15.97 -7.42 -2.46
N ASP A 343 -17.19 -7.80 -2.10
CA ASP A 343 -18.27 -7.94 -3.07
C ASP A 343 -18.53 -6.61 -3.77
N ASP A 344 -18.58 -5.50 -3.02
CA ASP A 344 -18.83 -4.18 -3.60
C ASP A 344 -17.75 -3.82 -4.61
N ILE A 345 -16.48 -3.95 -4.23
N ILE A 345 -16.47 -3.94 -4.24
CA ILE A 345 -15.39 -3.54 -5.08
CA ILE A 345 -15.47 -3.46 -5.18
C ILE A 345 -15.34 -4.40 -6.32
C ILE A 345 -15.34 -4.40 -6.37
N LEU A 346 -15.57 -5.71 -6.17
CA LEU A 346 -15.52 -6.63 -7.30
C LEU A 346 -16.66 -6.35 -8.27
N ARG A 347 -17.85 -6.08 -7.73
CA ARG A 347 -18.99 -5.78 -8.59
C ARG A 347 -18.77 -4.49 -9.36
N ALA A 348 -18.25 -3.47 -8.69
CA ALA A 348 -17.95 -2.21 -9.36
C ALA A 348 -16.82 -2.37 -10.36
N GLY A 349 -15.79 -3.15 -10.02
CA GLY A 349 -14.72 -3.39 -10.98
C GLY A 349 -15.21 -4.09 -12.24
N LYS A 350 -16.09 -5.07 -12.06
CA LYS A 350 -16.64 -5.81 -13.20
C LYS A 350 -17.43 -4.89 -14.13
N HIS A 351 -18.14 -3.92 -13.56
CA HIS A 351 -18.85 -2.94 -14.37
C HIS A 351 -17.91 -2.22 -15.32
N PHE A 352 -16.67 -1.98 -14.91
CA PHE A 352 -15.70 -1.28 -15.72
C PHE A 352 -14.70 -2.21 -16.39
N ASN A 353 -14.95 -3.53 -16.36
N ASN A 353 -14.96 -3.52 -16.41
CA ASN A 353 -14.10 -4.55 -16.98
CA ASN A 353 -14.03 -4.48 -17.02
C ASN A 353 -12.73 -4.66 -16.33
C ASN A 353 -12.63 -4.36 -16.41
N ILE A 354 -12.58 -4.13 -15.11
CA ILE A 354 -11.35 -4.32 -14.34
C ILE A 354 -11.26 -5.77 -13.91
N LYS A 355 -10.08 -6.38 -14.05
CA LYS A 355 -9.93 -7.80 -13.73
C LYS A 355 -10.10 -8.02 -12.23
N PRO A 356 -10.69 -9.15 -11.82
CA PRO A 356 -10.97 -9.42 -10.38
C PRO A 356 -9.71 -9.80 -9.62
N HIS A 357 -8.83 -8.82 -9.44
CA HIS A 357 -7.57 -8.99 -8.71
C HIS A 357 -7.51 -7.90 -7.63
N ILE A 358 -7.50 -8.30 -6.37
CA ILE A 358 -7.50 -7.35 -5.25
C ILE A 358 -6.10 -7.27 -4.66
N TYR A 359 -5.58 -6.07 -4.54
CA TYR A 359 -4.31 -5.85 -3.85
C TYR A 359 -4.65 -5.40 -2.43
N MET A 360 -4.50 -6.31 -1.47
CA MET A 360 -4.80 -5.97 -0.08
C MET A 360 -3.77 -4.99 0.44
N ALA A 361 -4.26 -3.91 1.04
CA ALA A 361 -3.38 -2.87 1.54
C ALA A 361 -2.83 -3.17 2.94
N ASP A 362 -3.36 -4.20 3.61
CA ASP A 362 -3.00 -4.51 5.01
C ASP A 362 -1.49 -4.60 5.20
N GLU A 363 -1.00 -3.93 6.26
CA GLU A 363 0.35 -4.25 6.74
C GLU A 363 0.43 -5.69 7.20
N GLU A 364 -0.64 -6.19 7.80
CA GLU A 364 -0.68 -7.50 8.45
C GLU A 364 -2.05 -8.10 8.18
N PHE A 365 -2.15 -8.89 7.10
CA PHE A 365 -3.43 -9.46 6.71
C PHE A 365 -3.92 -10.49 7.73
N ILE A 366 -3.00 -11.30 8.29
CA ILE A 366 -3.43 -12.41 9.14
C ILE A 366 -3.68 -11.95 10.58
N GLY A 367 -2.74 -11.25 11.16
CA GLY A 367 -3.00 -10.63 12.45
C GLY A 367 -2.84 -11.58 13.63
N GLU A 368 -3.25 -11.05 14.79
N GLU A 368 -3.28 -11.06 14.79
CA GLU A 368 -3.19 -11.76 16.07
CA GLU A 368 -3.19 -11.75 16.07
C GLU A 368 -4.28 -11.19 16.95
C GLU A 368 -4.27 -11.18 16.96
N LEU A 369 -5.09 -12.06 17.54
CA LEU A 369 -6.13 -11.65 18.45
C LEU A 369 -5.85 -12.19 19.86
N PRO A 370 -6.24 -11.45 20.91
CA PRO A 370 -6.07 -12.00 22.27
C PRO A 370 -6.71 -13.37 22.45
N ASN A 371 -7.84 -13.66 21.79
CA ASN A 371 -8.45 -14.98 21.89
C ASN A 371 -7.85 -16.01 20.94
N GLY A 372 -6.90 -15.63 20.08
CA GLY A 372 -6.18 -16.60 19.27
C GLY A 372 -6.93 -17.14 18.09
N THR A 373 -8.01 -16.50 17.67
CA THR A 373 -8.86 -17.00 16.60
C THR A 373 -8.55 -16.36 15.25
N GLU A 374 -7.41 -15.69 15.11
CA GLU A 374 -7.10 -14.98 13.86
C GLU A 374 -7.11 -15.92 12.66
N ALA A 375 -6.58 -17.13 12.83
CA ALA A 375 -6.55 -18.07 11.70
C ALA A 375 -7.96 -18.48 11.28
N GLN A 376 -8.88 -18.64 12.25
CA GLN A 376 -10.24 -19.00 11.88
C GLN A 376 -10.95 -17.86 11.17
N ARG A 377 -10.62 -16.61 11.53
CA ARG A 377 -11.17 -15.47 10.81
C ARG A 377 -10.75 -15.50 9.34
N ILE A 378 -9.48 -15.81 9.06
CA ILE A 378 -9.02 -15.87 7.67
C ILE A 378 -9.74 -17.01 6.94
N ILE A 379 -9.85 -18.18 7.58
CA ILE A 379 -10.51 -19.31 6.95
C ILE A 379 -11.97 -18.97 6.64
N ASP A 380 -12.64 -18.24 7.53
CA ASP A 380 -14.02 -17.80 7.26
C ASP A 380 -14.11 -16.84 6.07
N ILE A 381 -13.16 -15.90 5.97
CA ILE A 381 -13.13 -15.03 4.79
C ILE A 381 -12.93 -15.85 3.52
N CYS A 382 -11.99 -16.79 3.58
CA CYS A 382 -11.71 -17.65 2.42
C CYS A 382 -12.94 -18.48 2.06
N GLU A 383 -13.64 -19.01 3.06
CA GLU A 383 -14.86 -19.77 2.78
C GLU A 383 -15.89 -18.89 2.11
N GLY A 384 -15.99 -17.63 2.53
CA GLY A 384 -16.89 -16.70 1.87
C GLY A 384 -16.52 -16.44 0.42
N LEU A 385 -15.22 -16.28 0.15
CA LEU A 385 -14.77 -16.08 -1.24
C LEU A 385 -15.06 -17.31 -2.08
N LEU A 386 -14.94 -18.50 -1.48
CA LEU A 386 -15.15 -19.73 -2.22
C LEU A 386 -16.62 -19.95 -2.55
N LYS A 387 -17.53 -19.25 -1.87
CA LYS A 387 -18.95 -19.32 -2.18
C LYS A 387 -19.33 -18.43 -3.36
N ARG A 388 -18.45 -17.52 -3.77
CA ARG A 388 -18.78 -16.64 -4.88
C ARG A 388 -18.85 -17.42 -6.18
N GLU A 389 -19.54 -16.85 -7.16
CA GLU A 389 -19.69 -17.53 -8.44
C GLU A 389 -18.40 -17.48 -9.26
N GLU A 390 -17.72 -16.32 -9.27
CA GLU A 390 -16.48 -16.15 -10.02
C GLU A 390 -15.29 -16.19 -9.07
N LYS A 391 -14.21 -16.82 -9.51
CA LYS A 391 -12.97 -16.83 -8.75
C LYS A 391 -12.27 -15.48 -8.80
N ILE A 392 -11.50 -15.17 -7.77
CA ILE A 392 -10.70 -13.94 -7.74
C ILE A 392 -9.26 -14.31 -7.44
N LYS A 393 -8.37 -13.35 -7.63
CA LYS A 393 -7.01 -13.44 -7.13
C LYS A 393 -6.75 -12.27 -6.18
N PHE A 394 -5.92 -12.49 -5.15
CA PHE A 394 -5.62 -11.37 -4.27
C PHE A 394 -4.21 -11.51 -3.73
N ASP A 395 -3.57 -10.36 -3.52
CA ASP A 395 -2.23 -10.27 -2.97
C ASP A 395 -2.27 -9.68 -1.57
N PHE A 396 -1.35 -10.11 -0.70
CA PHE A 396 -1.21 -9.48 0.61
C PHE A 396 0.20 -9.72 1.12
N ALA A 397 0.53 -9.08 2.25
CA ALA A 397 1.85 -9.20 2.87
C ALA A 397 1.73 -9.93 4.20
N ALA A 398 2.82 -10.59 4.59
CA ALA A 398 2.81 -11.34 5.85
C ALA A 398 4.23 -11.49 6.37
N ARG A 399 4.36 -11.63 7.71
CA ARG A 399 5.64 -11.97 8.31
C ARG A 399 5.92 -13.46 8.15
N ALA A 400 7.21 -13.81 8.14
CA ALA A 400 7.56 -15.23 8.09
C ALA A 400 6.95 -16.00 9.25
N ASP A 401 6.89 -15.40 10.45
CA ASP A 401 6.32 -16.14 11.59
C ASP A 401 4.81 -16.16 11.59
N SER A 402 4.15 -15.52 10.61
N SER A 402 4.16 -15.52 10.61
CA SER A 402 2.74 -15.80 10.39
CA SER A 402 2.75 -15.79 10.38
C SER A 402 2.53 -17.10 9.63
C SER A 402 2.53 -17.09 9.62
N VAL A 403 3.61 -17.70 9.12
CA VAL A 403 3.56 -19.00 8.46
C VAL A 403 4.03 -20.10 9.39
N TYR A 404 5.21 -19.92 9.97
CA TYR A 404 5.89 -20.94 10.75
C TYR A 404 6.52 -20.30 11.99
N GLU A 405 6.23 -20.85 13.16
CA GLU A 405 6.74 -20.27 14.41
C GLU A 405 7.04 -21.43 15.34
N PRO A 406 8.29 -21.88 15.39
CA PRO A 406 8.64 -23.04 16.25
C PRO A 406 8.50 -22.74 17.73
N LYS A 407 8.37 -21.47 18.14
CA LYS A 407 8.04 -21.19 19.53
C LYS A 407 6.59 -21.48 19.87
N ARG A 408 5.77 -21.79 18.87
CA ARG A 408 4.39 -22.19 19.10
C ARG A 408 4.26 -23.69 18.87
N THR A 409 3.15 -24.26 19.34
CA THR A 409 3.02 -25.71 19.30
C THR A 409 2.91 -26.20 17.87
N LYS A 410 3.20 -27.49 17.69
CA LYS A 410 2.99 -28.11 16.39
C LYS A 410 1.54 -27.93 15.94
N GLU A 411 0.59 -28.05 16.86
N GLU A 411 0.58 -28.09 16.86
CA GLU A 411 -0.81 -27.91 16.51
CA GLU A 411 -0.82 -27.90 16.52
C GLU A 411 -1.12 -26.52 15.96
C GLU A 411 -1.06 -26.53 15.90
N TRP A 412 -0.52 -25.48 16.54
CA TRP A 412 -0.71 -24.12 16.03
C TRP A 412 -0.16 -24.00 14.61
N ASN A 413 1.01 -24.59 14.36
CA ASN A 413 1.64 -24.49 13.05
C ASN A 413 0.88 -25.30 12.01
N VAL A 414 0.34 -26.45 12.40
CA VAL A 414 -0.46 -27.23 11.46
C VAL A 414 -1.76 -26.51 11.12
N GLU A 415 -2.38 -25.86 12.11
N GLU A 415 -2.41 -25.88 12.12
CA GLU A 415 -3.57 -25.06 11.81
CA GLU A 415 -3.56 -25.03 11.83
C GLU A 415 -3.23 -23.84 10.97
C GLU A 415 -3.18 -23.89 10.91
N ARG A 416 -2.01 -23.30 11.14
CA ARG A 416 -1.56 -22.20 10.30
C ARG A 416 -1.39 -22.65 8.86
N LEU A 417 -0.83 -23.85 8.64
CA LEU A 417 -0.70 -24.37 7.28
C LEU A 417 -2.08 -24.57 6.65
N LYS A 418 -3.04 -25.08 7.41
CA LYS A 418 -4.41 -25.19 6.90
C LYS A 418 -4.95 -23.83 6.47
N MET A 419 -4.73 -22.79 7.28
CA MET A 419 -5.20 -21.46 6.94
C MET A 419 -4.56 -20.97 5.64
N TRP A 420 -3.25 -21.14 5.51
CA TRP A 420 -2.59 -20.73 4.28
C TRP A 420 -3.11 -21.51 3.08
N HIS A 421 -3.45 -22.79 3.27
CA HIS A 421 -4.04 -23.55 2.19
C HIS A 421 -5.37 -22.95 1.76
N TYR A 422 -6.21 -22.58 2.74
CA TYR A 422 -7.47 -21.91 2.41
C TYR A 422 -7.21 -20.61 1.67
N CYS A 423 -6.16 -19.86 2.04
CA CYS A 423 -5.82 -18.66 1.28
C CYS A 423 -5.51 -19.01 -0.17
N ALA A 424 -4.70 -20.05 -0.39
CA ALA A 424 -4.41 -20.47 -1.76
C ALA A 424 -5.67 -20.86 -2.51
N LEU A 425 -6.53 -21.66 -1.86
CA LEU A 425 -7.77 -22.09 -2.51
C LEU A 425 -8.62 -20.90 -2.90
N ALA A 426 -8.65 -19.86 -2.08
CA ALA A 426 -9.52 -18.73 -2.34
C ALA A 426 -8.92 -17.71 -3.31
N GLY A 427 -7.67 -17.89 -3.74
CA GLY A 427 -7.09 -17.00 -4.71
C GLY A 427 -5.86 -16.21 -4.33
N ALA A 428 -5.27 -16.50 -3.16
CA ALA A 428 -4.01 -15.86 -2.80
C ALA A 428 -2.99 -16.09 -3.91
N ASP A 429 -2.39 -15.00 -4.39
CA ASP A 429 -1.61 -15.04 -5.61
C ASP A 429 -0.16 -14.64 -5.36
N ARG A 430 0.17 -13.35 -5.49
CA ARG A 430 1.52 -12.87 -5.24
C ARG A 430 1.57 -12.35 -3.79
N ILE A 431 2.13 -13.17 -2.89
CA ILE A 431 2.22 -12.83 -1.47
C ILE A 431 3.63 -12.33 -1.17
N PHE A 432 3.71 -11.23 -0.40
CA PHE A 432 4.99 -10.63 -0.01
C PHE A 432 5.31 -11.09 1.41
N ILE A 433 6.49 -11.68 1.62
CA ILE A 433 6.92 -12.09 2.97
C ILE A 433 8.10 -11.22 3.35
N GLY A 434 7.97 -10.49 4.46
CA GLY A 434 9.05 -9.63 4.92
C GLY A 434 10.19 -10.37 5.58
N VAL A 435 10.89 -11.20 4.79
CA VAL A 435 12.06 -11.93 5.29
C VAL A 435 13.13 -10.97 5.80
N GLU A 436 13.57 -10.06 4.93
CA GLU A 436 14.50 -8.94 5.16
C GLU A 436 15.95 -9.37 5.35
N SER A 437 16.20 -10.56 5.89
CA SER A 437 17.60 -10.96 6.10
C SER A 437 17.72 -12.47 6.15
N GLY A 438 18.90 -12.97 5.82
CA GLY A 438 19.24 -14.35 6.06
C GLY A 438 20.33 -14.56 7.09
N SER A 439 20.70 -13.53 7.84
CA SER A 439 21.76 -13.59 8.83
C SER A 439 21.14 -13.41 10.22
N ASN A 440 21.41 -14.36 11.12
CA ASN A 440 20.72 -14.29 12.41
C ASN A 440 21.06 -13.01 13.18
N GLN A 441 22.33 -12.59 13.13
CA GLN A 441 22.70 -11.33 13.76
C GLN A 441 21.96 -10.16 13.13
N GLN A 442 21.90 -10.11 11.79
CA GLN A 442 21.23 -8.99 11.13
C GLN A 442 19.74 -9.02 11.39
N LEU A 443 19.13 -10.21 11.40
CA LEU A 443 17.71 -10.30 11.76
C LEU A 443 17.45 -9.71 13.14
N LYS A 444 18.38 -9.90 14.08
CA LYS A 444 18.19 -9.33 15.40
C LYS A 444 18.35 -7.80 15.36
N ARG A 445 19.34 -7.28 14.61
CA ARG A 445 19.46 -5.84 14.46
C ARG A 445 18.21 -5.25 13.81
N TYR A 446 17.57 -6.03 12.94
CA TYR A 446 16.31 -5.64 12.29
C TYR A 446 15.10 -5.82 13.19
N GLY A 447 15.26 -6.40 14.38
CA GLY A 447 14.15 -6.64 15.27
C GLY A 447 13.10 -7.58 14.72
N LYS A 448 13.48 -8.48 13.80
CA LYS A 448 12.51 -9.33 13.11
CA LYS A 448 12.52 -9.34 13.10
C LYS A 448 12.03 -10.48 13.97
N GLY A 449 12.80 -10.91 14.97
CA GLY A 449 12.38 -11.98 15.84
C GLY A 449 12.49 -13.38 15.24
N THR A 450 13.00 -13.50 14.03
CA THR A 450 13.06 -14.75 13.29
C THR A 450 14.50 -15.24 13.17
N THR A 451 14.63 -16.49 12.73
CA THR A 451 15.93 -17.03 12.37
C THR A 451 15.98 -17.29 10.86
N SER A 452 17.21 -17.43 10.38
CA SER A 452 17.45 -17.80 8.98
C SER A 452 16.70 -19.08 8.62
N GLU A 453 16.88 -20.14 9.40
CA GLU A 453 16.22 -21.40 9.05
C GLU A 453 14.70 -21.27 9.09
N GLN A 454 14.18 -20.49 10.04
CA GLN A 454 12.73 -20.30 10.11
C GLN A 454 12.21 -19.62 8.83
N ASN A 455 12.99 -18.68 8.30
CA ASN A 455 12.58 -18.02 7.05
C ASN A 455 12.54 -19.03 5.91
N ILE A 456 13.57 -19.89 5.80
CA ILE A 456 13.58 -20.92 4.77
C ILE A 456 12.30 -21.77 4.85
N ILE A 457 11.95 -22.22 6.06
CA ILE A 457 10.80 -23.10 6.20
C ILE A 457 9.50 -22.37 5.84
N ALA A 458 9.38 -21.10 6.22
CA ALA A 458 8.18 -20.36 5.84
C ALA A 458 8.03 -20.33 4.32
N LEU A 459 9.13 -20.10 3.61
CA LEU A 459 9.06 -20.04 2.14
C LEU A 459 8.70 -21.40 1.56
N ARG A 460 9.24 -22.46 2.16
CA ARG A 460 8.92 -23.82 1.75
C ARG A 460 7.43 -24.11 1.87
N LEU A 461 6.84 -23.76 3.01
CA LEU A 461 5.42 -24.04 3.25
C LEU A 461 4.51 -23.24 2.30
N VAL A 462 4.77 -21.95 2.14
CA VAL A 462 3.90 -21.13 1.29
C VAL A 462 4.05 -21.54 -0.17
N SER A 463 5.28 -21.74 -0.62
CA SER A 463 5.47 -22.10 -2.04
C SER A 463 4.87 -23.48 -2.35
N ALA A 464 4.94 -24.42 -1.40
CA ALA A 464 4.34 -25.73 -1.63
C ALA A 464 2.84 -25.66 -1.84
N LEU A 465 2.18 -24.62 -1.33
CA LEU A 465 0.75 -24.46 -1.57
C LEU A 465 0.43 -23.81 -2.92
N GLY A 466 1.42 -23.52 -3.75
CA GLY A 466 1.17 -22.93 -5.05
C GLY A 466 1.01 -21.41 -5.06
N ILE A 467 1.28 -20.76 -3.94
CA ILE A 467 1.25 -19.31 -3.86
C ILE A 467 2.55 -18.79 -4.43
N ASN A 468 2.52 -17.59 -5.09
N ASN A 468 2.46 -17.78 -5.26
CA ASN A 468 3.65 -17.04 -5.88
CA ASN A 468 3.66 -17.15 -5.72
C ASN A 468 4.38 -15.90 -5.14
C ASN A 468 4.16 -16.24 -4.61
N LEU A 469 5.46 -16.25 -4.42
CA LEU A 469 6.09 -15.41 -3.42
C LEU A 469 6.99 -14.33 -3.98
N ARG A 470 7.09 -13.23 -3.21
CA ARG A 470 8.12 -12.20 -3.30
C ARG A 470 8.63 -11.99 -1.88
N ILE A 471 9.91 -11.69 -1.70
CA ILE A 471 10.41 -11.39 -0.35
C ILE A 471 11.14 -10.04 -0.34
N GLY A 472 10.96 -9.30 0.76
CA GLY A 472 11.85 -8.17 0.99
C GLY A 472 13.19 -8.66 1.51
N PHE A 473 14.26 -7.97 1.11
CA PHE A 473 15.59 -8.36 1.55
C PHE A 473 16.46 -7.13 1.61
N ILE A 474 16.97 -6.80 2.79
CA ILE A 474 17.80 -5.62 2.95
C ILE A 474 19.22 -6.11 3.21
N MET A 475 20.01 -6.23 2.15
CA MET A 475 21.33 -6.85 2.23
C MET A 475 22.27 -6.05 3.14
N PHE A 476 22.34 -4.75 2.94
CA PHE A 476 23.28 -3.86 3.62
C PHE A 476 22.58 -3.06 4.71
N ASP A 477 23.19 -2.93 5.88
CA ASP A 477 22.70 -1.97 6.86
C ASP A 477 23.89 -1.33 7.55
N GLN A 478 23.67 -0.08 8.00
CA GLN A 478 24.77 0.80 8.35
C GLN A 478 25.50 0.36 9.62
N LEU A 479 24.86 -0.40 10.49
CA LEU A 479 25.52 -0.83 11.72
C LEU A 479 26.25 -2.16 11.57
N MET A 480 26.27 -2.75 10.38
CA MET A 480 26.93 -4.02 10.17
C MET A 480 28.45 -3.84 10.24
N LYS A 481 29.10 -4.70 11.01
CA LYS A 481 30.54 -4.69 11.18
C LYS A 481 31.12 -5.95 10.57
N GLY A 482 32.06 -5.78 9.64
CA GLY A 482 32.69 -6.90 8.97
C GLY A 482 31.81 -7.49 7.89
N LEU A 483 32.32 -8.53 7.25
CA LEU A 483 31.68 -9.16 6.10
C LEU A 483 30.87 -10.40 6.45
N ASP A 484 30.89 -10.86 7.72
CA ASP A 484 30.26 -12.12 8.08
C ASP A 484 28.77 -12.14 7.72
N ASN A 485 28.05 -11.07 8.04
CA ASN A 485 26.61 -11.05 7.75
C ASN A 485 26.32 -11.09 6.25
N LEU A 486 27.19 -10.48 5.43
CA LEU A 486 26.99 -10.57 3.99
C LEU A 486 27.19 -12.00 3.50
N LYS A 487 28.24 -12.68 4.00
CA LYS A 487 28.44 -14.08 3.62
C LYS A 487 27.25 -14.93 4.03
N GLU A 488 26.74 -14.70 5.25
CA GLU A 488 25.57 -15.44 5.71
C GLU A 488 24.36 -15.15 4.81
N ASN A 489 24.19 -13.90 4.42
CA ASN A 489 23.09 -13.54 3.53
C ASN A 489 23.21 -14.24 2.18
N LEU A 490 24.40 -14.18 1.58
CA LEU A 490 24.61 -14.80 0.29
C LEU A 490 24.35 -16.30 0.33
N ASP A 491 24.83 -16.98 1.39
CA ASP A 491 24.54 -18.39 1.59
C ASP A 491 23.04 -18.65 1.64
N PHE A 492 22.32 -17.89 2.47
CA PHE A 492 20.87 -17.98 2.55
C PHE A 492 20.21 -17.84 1.16
N LEU A 493 20.59 -16.79 0.44
CA LEU A 493 19.99 -16.49 -0.85
C LEU A 493 20.29 -17.54 -1.92
N GLU A 494 21.38 -18.28 -1.78
CA GLU A 494 21.74 -19.34 -2.70
C GLU A 494 21.10 -20.68 -2.36
N ARG A 495 20.35 -20.78 -1.25
CA ARG A 495 19.76 -22.06 -0.89
C ARG A 495 18.72 -22.48 -1.91
N THR A 496 18.77 -23.76 -2.32
CA THR A 496 17.83 -24.32 -3.28
C THR A 496 16.85 -25.29 -2.63
N ASP A 497 16.84 -25.39 -1.31
CA ASP A 497 15.91 -26.26 -0.61
C ASP A 497 14.77 -25.49 0.04
N ALA A 498 14.49 -24.28 -0.44
CA ALA A 498 13.43 -23.46 0.11
C ALA A 498 12.22 -23.38 -0.81
N LEU A 499 12.43 -23.12 -2.10
CA LEU A 499 11.29 -22.91 -2.99
C LEU A 499 10.78 -24.25 -3.51
N MET A 500 9.51 -24.55 -3.21
CA MET A 500 8.87 -25.79 -3.60
C MET A 500 7.94 -25.57 -4.78
N LYS A 501 7.84 -26.58 -5.63
CA LYS A 501 6.78 -26.62 -6.62
C LYS A 501 5.44 -26.75 -5.91
N PRO A 502 4.35 -26.35 -6.56
CA PRO A 502 3.02 -26.65 -6.00
C PRO A 502 2.87 -28.15 -5.81
N ILE A 503 2.56 -28.55 -4.59
CA ILE A 503 2.52 -29.95 -4.22
C ILE A 503 1.08 -30.42 -4.24
N ASP A 504 0.81 -31.53 -4.93
CA ASP A 504 -0.51 -32.12 -4.90
C ASP A 504 -0.73 -32.72 -3.52
N ILE A 505 -1.64 -32.10 -2.74
CA ILE A 505 -1.94 -32.60 -1.40
C ILE A 505 -2.51 -34.00 -1.47
N GLY A 506 -3.50 -34.20 -2.33
CA GLY A 506 -4.10 -35.52 -2.48
C GLY A 506 -4.77 -35.99 -1.22
N ASP A 507 -4.26 -37.07 -0.63
CA ASP A 507 -4.85 -37.61 0.59
C ASP A 507 -3.96 -37.42 1.80
N MET A 508 -2.92 -36.60 1.68
CA MET A 508 -2.15 -36.21 2.86
C MET A 508 -3.00 -35.37 3.79
N THR A 509 -2.78 -35.55 5.09
CA THR A 509 -3.33 -34.62 6.05
C THR A 509 -2.41 -33.40 6.14
N TYR A 510 -2.92 -32.32 6.74
CA TYR A 510 -2.09 -31.15 6.95
C TYR A 510 -0.86 -31.49 7.78
N GLU A 511 -1.03 -32.31 8.82
CA GLU A 511 0.10 -32.69 9.66
C GLU A 511 1.14 -33.49 8.88
N GLU A 512 0.70 -34.37 7.98
CA GLU A 512 1.67 -35.12 7.19
C GLU A 512 2.45 -34.21 6.26
N LEU A 513 1.74 -33.28 5.59
CA LEU A 513 2.41 -32.32 4.73
C LEU A 513 3.39 -31.47 5.52
N TYR A 514 2.94 -30.96 6.67
CA TYR A 514 3.81 -30.16 7.54
C TYR A 514 5.06 -30.95 7.94
N ASP A 515 4.89 -32.18 8.43
N ASP A 515 4.89 -32.18 8.44
CA ASP A 515 6.03 -32.95 8.90
CA ASP A 515 6.03 -32.95 8.90
C ASP A 515 7.01 -33.23 7.77
C ASP A 515 7.02 -33.21 7.76
N LYS A 516 6.50 -33.53 6.58
CA LYS A 516 7.39 -33.84 5.46
C LYS A 516 8.17 -32.62 5.00
N LEU A 517 7.54 -31.44 4.96
CA LEU A 517 8.26 -30.24 4.54
C LEU A 517 9.27 -29.78 5.57
N LEU A 518 9.09 -30.11 6.86
CA LEU A 518 10.08 -29.71 7.84
C LEU A 518 11.24 -30.71 7.95
N ASN A 519 10.96 -32.00 7.81
CA ASN A 519 11.92 -33.04 8.23
C ASN A 519 12.31 -34.02 7.15
N ASP A 520 11.48 -34.22 6.12
CA ASP A 520 11.70 -35.29 5.15
C ASP A 520 12.61 -34.75 4.04
N LYS A 521 13.91 -35.01 4.18
CA LYS A 521 14.86 -34.47 3.22
C LYS A 521 14.63 -35.01 1.81
N GLU A 522 14.21 -36.27 1.70
CA GLU A 522 13.90 -36.82 0.37
C GLU A 522 12.69 -36.13 -0.23
N PHE A 523 11.68 -35.84 0.60
CA PHE A 523 10.48 -35.17 0.12
C PHE A 523 10.82 -33.76 -0.39
N ILE A 524 11.58 -33.00 0.41
CA ILE A 524 11.98 -31.66 0.00
C ILE A 524 12.74 -31.71 -1.32
N GLU A 525 13.70 -32.64 -1.45
CA GLU A 525 14.44 -32.78 -2.70
C GLU A 525 13.52 -33.13 -3.88
N LYS A 526 12.54 -34.01 -3.65
CA LYS A 526 11.67 -34.41 -4.75
C LYS A 526 10.84 -33.25 -5.29
N HIS A 527 10.43 -32.33 -4.41
CA HIS A 527 9.46 -31.31 -4.78
C HIS A 527 10.05 -29.92 -4.99
N LYS A 528 11.34 -29.73 -4.78
CA LYS A 528 11.94 -28.40 -4.92
C LYS A 528 11.85 -27.92 -6.37
N THR A 529 11.76 -26.60 -6.54
CA THR A 529 11.90 -26.06 -7.89
C THR A 529 13.34 -26.07 -8.36
N GLY A 530 14.30 -26.18 -7.44
CA GLY A 530 15.70 -26.02 -7.79
C GLY A 530 16.16 -24.59 -7.97
N LYS A 531 15.27 -23.62 -7.80
CA LYS A 531 15.71 -22.24 -7.95
C LYS A 531 16.16 -21.67 -6.61
N PRO A 532 17.23 -20.89 -6.58
CA PRO A 532 17.68 -20.29 -5.32
C PRO A 532 16.75 -19.19 -4.85
N VAL A 533 16.84 -18.90 -3.55
CA VAL A 533 15.96 -17.94 -2.91
C VAL A 533 16.07 -16.56 -3.58
N TYR A 534 17.27 -16.17 -4.00
CA TYR A 534 17.40 -14.81 -4.55
C TYR A 534 16.50 -14.59 -5.76
N THR A 535 16.00 -15.65 -6.39
CA THR A 535 15.12 -15.46 -7.54
C THR A 535 13.79 -14.80 -7.16
N ILE A 536 13.39 -14.79 -5.88
CA ILE A 536 12.13 -14.16 -5.49
C ILE A 536 12.35 -12.87 -4.67
N VAL A 537 13.58 -12.35 -4.64
CA VAL A 537 13.86 -11.10 -3.94
C VAL A 537 13.25 -9.95 -4.72
N SER A 538 12.52 -9.08 -4.01
N SER A 538 12.55 -9.06 -4.02
CA SER A 538 11.82 -7.99 -4.65
CA SER A 538 11.89 -7.95 -4.71
C SER A 538 12.79 -6.97 -5.26
C SER A 538 12.91 -6.99 -5.32
N TYR A 539 13.87 -6.66 -4.55
N TYR A 539 13.87 -6.52 -4.51
CA TYR A 539 14.84 -5.66 -4.97
CA TYR A 539 14.87 -5.55 -4.95
C TYR A 539 16.21 -6.16 -4.59
C TYR A 539 16.24 -6.10 -4.58
N MET A 540 17.04 -6.43 -5.60
CA MET A 540 18.35 -7.03 -5.35
C MET A 540 19.34 -6.00 -4.81
N LEU A 541 20.23 -6.45 -3.93
CA LEU A 541 21.35 -5.65 -3.44
C LEU A 541 20.89 -4.41 -2.69
N ALA A 542 19.76 -4.49 -1.98
CA ALA A 542 19.19 -3.31 -1.36
C ALA A 542 19.97 -2.92 -0.10
N SER A 543 19.99 -1.61 0.18
CA SER A 543 20.61 -1.08 1.39
C SER A 543 19.57 -0.40 2.26
N MET A 544 19.81 -0.44 3.56
CA MET A 544 18.87 0.10 4.54
C MET A 544 18.66 1.58 4.33
N GLU A 545 17.40 1.98 4.28
CA GLU A 545 16.98 3.38 4.29
C GLU A 545 16.33 3.62 5.64
N ILE A 546 16.90 4.55 6.40
CA ILE A 546 16.54 4.71 7.79
C ILE A 546 15.47 5.80 7.89
N LEU A 547 14.24 5.39 8.23
CA LEU A 547 13.17 6.37 8.28
C LEU A 547 13.17 7.08 9.62
N MET A 548 12.47 8.21 9.67
CA MET A 548 12.28 8.92 10.93
C MET A 548 11.50 8.04 11.90
N ASN A 549 11.73 8.27 13.19
CA ASN A 549 10.96 7.67 14.28
C ASN A 549 11.15 6.16 14.38
N THR A 550 12.29 5.63 13.89
CA THR A 550 12.54 4.21 13.97
C THR A 550 13.49 3.88 15.12
N PRO A 551 13.31 2.71 15.74
CA PRO A 551 14.34 2.20 16.64
C PRO A 551 15.71 2.14 15.99
N TYR A 552 15.78 1.82 14.70
CA TYR A 552 17.09 1.75 14.05
C TYR A 552 17.78 3.11 14.00
N SER A 553 17.03 4.18 13.76
CA SER A 553 17.64 5.51 13.78
C SER A 553 18.20 5.81 15.17
N ARG A 554 17.49 5.43 16.21
CA ARG A 554 18.00 5.66 17.56
C ARG A 554 19.20 4.76 17.87
N MET A 555 19.23 3.55 17.32
CA MET A 555 20.42 2.70 17.44
C MET A 555 21.61 3.36 16.78
N VAL A 556 21.39 3.99 15.63
CA VAL A 556 22.48 4.70 14.94
C VAL A 556 22.92 5.90 15.77
N GLN A 557 21.97 6.67 16.26
CA GLN A 557 22.30 7.82 17.10
C GLN A 557 23.07 7.37 18.35
N LEU A 558 22.72 6.21 18.90
CA LEU A 558 23.44 5.70 20.08
C LEU A 558 24.84 5.23 19.73
N THR A 559 25.03 4.68 18.53
CA THR A 559 26.37 4.30 18.08
C THR A 559 27.21 5.53 17.79
N GLU A 560 26.61 6.62 17.30
CA GLU A 560 27.36 7.85 17.07
C GLU A 560 28.01 8.34 18.35
N ARG A 561 27.29 8.26 19.48
CA ARG A 561 27.85 8.66 20.76
C ARG A 561 28.85 7.62 21.26
N LYS A 562 28.47 6.35 21.22
CA LYS A 562 29.26 5.28 21.82
C LYS A 562 30.65 5.16 21.18
N GLU A 563 30.76 5.43 19.88
CA GLU A 563 32.02 5.27 19.17
C GLU A 563 32.57 6.58 18.63
N GLU A 564 31.93 7.71 18.96
CA GLU A 564 32.44 9.04 18.63
C GLU A 564 32.67 9.21 17.14
N VAL A 565 31.63 8.94 16.35
CA VAL A 565 31.69 9.08 14.90
C VAL A 565 30.37 9.67 14.42
N ASN A 566 30.45 10.49 13.39
CA ASN A 566 29.25 11.04 12.75
C ASN A 566 28.82 10.13 11.62
N LEU A 567 27.61 9.56 11.74
CA LEU A 567 27.05 8.69 10.73
C LEU A 567 25.87 9.29 9.99
N ILE A 568 25.05 10.09 10.65
CA ILE A 568 23.88 10.71 10.03
C ILE A 568 24.30 12.04 9.43
N MET A 569 24.23 12.13 8.10
CA MET A 569 24.62 13.33 7.37
C MET A 569 23.54 14.42 7.51
N ASN A 570 23.65 15.47 6.71
CA ASN A 570 22.75 16.62 6.79
C ASN A 570 22.70 17.18 8.22
N ASP A 571 23.84 17.11 8.89
CA ASP A 571 23.98 17.58 10.28
C ASP A 571 22.92 16.93 11.18
N GLY A 572 22.71 15.63 10.99
CA GLY A 572 21.76 14.88 11.79
C GLY A 572 20.31 15.09 11.44
N LYS A 573 20.00 15.97 10.48
CA LYS A 573 18.62 16.31 10.22
C LYS A 573 18.01 15.38 9.18
N PRO A 574 16.75 15.00 9.32
CA PRO A 574 16.13 14.11 8.34
C PRO A 574 15.66 14.90 7.12
N ASP A 575 15.36 14.15 6.06
CA ASP A 575 14.71 14.73 4.88
C ASP A 575 13.20 14.75 5.12
N MET A 576 12.61 15.94 4.99
CA MET A 576 11.17 16.10 5.19
C MET A 576 10.39 15.46 4.04
N ASN A 577 10.87 15.62 2.81
CA ASN A 577 10.17 15.11 1.63
C ASN A 577 10.17 13.58 1.58
N MET A 578 11.22 12.93 2.09
CA MET A 578 11.30 11.48 2.07
C MET A 578 11.18 10.84 3.44
N GLY A 579 10.95 11.63 4.48
CA GLY A 579 10.74 11.09 5.82
C GLY A 579 11.86 10.21 6.32
N ARG A 580 13.11 10.49 5.93
CA ARG A 580 14.19 9.58 6.24
C ARG A 580 15.50 10.32 6.39
N TYR A 581 16.43 9.67 7.08
CA TYR A 581 17.78 10.17 7.27
C TYR A 581 18.66 9.68 6.14
N ALA A 582 19.73 10.43 5.88
CA ALA A 582 20.83 9.98 5.03
C ALA A 582 21.98 9.61 5.96
N THR A 583 22.39 8.35 5.90
CA THR A 583 23.25 7.75 6.93
C THR A 583 24.41 7.01 6.30
N SER A 584 25.61 7.25 6.83
N SER A 584 25.61 7.24 6.83
CA SER A 584 26.81 6.52 6.41
CA SER A 584 26.79 6.51 6.38
C SER A 584 26.96 5.24 7.21
C SER A 584 27.00 5.26 7.23
N PHE A 585 27.83 4.35 6.72
CA PHE A 585 28.06 3.05 7.34
C PHE A 585 29.19 3.15 8.35
N VAL A 586 29.01 2.46 9.49
CA VAL A 586 30.04 2.44 10.52
C VAL A 586 31.26 1.65 10.05
N ASP A 587 31.06 0.69 9.14
CA ASP A 587 32.15 -0.07 8.53
C ASP A 587 32.36 0.46 7.12
N LYS A 588 33.48 1.15 6.89
CA LYS A 588 33.72 1.81 5.61
C LYS A 588 33.73 0.84 4.43
N THR A 589 34.23 -0.38 4.64
CA THR A 589 34.20 -1.37 3.57
C THR A 589 32.75 -1.69 3.16
N ASN A 590 31.92 -1.99 4.17
CA ASN A 590 30.50 -2.25 3.89
C ASN A 590 29.84 -1.05 3.22
N GLY A 591 30.14 0.17 3.68
CA GLY A 591 29.65 1.35 2.99
C GLY A 591 30.11 1.43 1.54
N ASN A 592 31.37 1.06 1.28
CA ASN A 592 31.87 1.06 -0.09
C ASN A 592 31.18 -0.01 -0.93
N LEU A 593 30.90 -1.17 -0.34
CA LEU A 593 30.23 -2.23 -1.07
C LEU A 593 28.78 -1.84 -1.39
N SER A 594 28.10 -1.20 -0.43
CA SER A 594 26.75 -0.70 -0.68
C SER A 594 26.74 0.34 -1.78
N GLU A 595 27.68 1.29 -1.72
CA GLU A 595 27.79 2.30 -2.78
C GLU A 595 28.04 1.67 -4.13
N ALA A 596 28.95 0.70 -4.21
CA ALA A 596 29.24 0.06 -5.50
C ALA A 596 28.00 -0.63 -6.06
N CYS A 597 27.23 -1.30 -5.20
CA CYS A 597 26.02 -1.97 -5.65
C CYS A 597 24.99 -0.97 -6.15
N GLN A 598 24.87 0.19 -5.50
CA GLN A 598 24.01 1.23 -6.06
C GLN A 598 24.52 1.69 -7.42
N MET A 599 25.84 1.84 -7.58
CA MET A 599 26.36 2.24 -8.89
C MET A 599 26.12 1.16 -9.93
N TRP A 600 26.21 -0.11 -9.52
CA TRP A 600 25.85 -1.20 -10.43
C TRP A 600 24.42 -1.06 -10.90
N ILE A 601 23.50 -0.85 -9.96
CA ILE A 601 22.08 -0.70 -10.31
C ILE A 601 21.90 0.47 -11.28
N ASP A 602 22.51 1.62 -10.96
CA ASP A 602 22.37 2.78 -11.83
C ASP A 602 22.90 2.52 -13.23
N SER A 603 23.99 1.75 -13.32
N SER A 603 24.00 1.77 -13.33
CA SER A 603 24.67 1.48 -14.59
CA SER A 603 24.64 1.52 -14.62
C SER A 603 23.86 0.58 -15.51
C SER A 603 23.76 0.68 -15.54
N ASN A 604 22.94 -0.20 -14.98
CA ASN A 604 22.13 -1.14 -15.76
C ASN A 604 20.69 -0.68 -15.90
N PHE A 605 20.33 0.43 -15.28
CA PHE A 605 18.92 0.77 -15.11
C PHE A 605 18.23 0.99 -16.45
N GLY A 606 18.86 1.76 -17.34
CA GLY A 606 18.18 2.11 -18.59
C GLY A 606 17.87 0.91 -19.46
N VAL A 607 18.87 0.05 -19.65
CA VAL A 607 18.69 -1.15 -20.47
C VAL A 607 17.73 -2.12 -19.81
N MET A 608 17.88 -2.37 -18.51
CA MET A 608 16.98 -3.31 -17.86
C MET A 608 15.56 -2.77 -17.74
N TYR A 609 15.39 -1.46 -17.54
CA TYR A 609 14.07 -0.88 -17.60
C TYR A 609 13.44 -1.10 -18.96
N THR A 610 14.22 -0.92 -20.02
CA THR A 610 13.69 -1.09 -21.38
C THR A 610 13.28 -2.54 -21.64
N ILE A 611 14.12 -3.49 -21.25
CA ILE A 611 13.80 -4.91 -21.39
C ILE A 611 12.52 -5.23 -20.63
N LYS A 612 12.38 -4.70 -19.42
CA LYS A 612 11.18 -4.96 -18.64
C LYS A 612 9.95 -4.36 -19.31
N SER A 613 10.10 -3.15 -19.86
N SER A 613 10.09 -3.15 -19.87
CA SER A 613 9.00 -2.48 -20.55
CA SER A 613 8.96 -2.51 -20.56
C SER A 613 8.58 -3.26 -21.80
C SER A 613 8.57 -3.28 -21.81
N LEU A 614 9.54 -3.74 -22.59
CA LEU A 614 9.22 -4.55 -23.76
C LEU A 614 8.56 -5.86 -23.36
N HIS A 615 8.97 -6.43 -22.23
CA HIS A 615 8.47 -7.73 -21.81
C HIS A 615 6.97 -7.67 -21.55
N LYS A 616 6.50 -6.53 -21.01
CA LYS A 616 5.08 -6.39 -20.68
C LYS A 616 4.20 -6.58 -21.90
N VAL A 617 4.69 -6.27 -23.10
CA VAL A 617 3.85 -6.21 -24.29
C VAL A 617 4.34 -7.15 -25.40
N ALA A 618 5.26 -8.05 -25.10
CA ALA A 618 5.83 -8.90 -26.13
C ALA A 618 4.96 -10.13 -26.40
N ASN A 619 5.16 -10.73 -27.59
CA ASN A 619 4.51 -11.98 -27.95
C ASN A 619 5.05 -13.10 -27.07
N PRO A 620 4.40 -14.27 -27.07
CA PRO A 620 4.79 -15.31 -26.09
C PRO A 620 6.24 -15.73 -26.19
N ARG A 621 6.75 -15.86 -27.41
CA ARG A 621 8.11 -16.33 -27.59
C ARG A 621 9.13 -15.25 -27.22
N GLU A 622 8.88 -14.00 -27.62
CA GLU A 622 9.75 -12.90 -27.19
C GLU A 622 9.65 -12.66 -25.69
N LYS A 623 8.46 -12.85 -25.12
CA LYS A 623 8.31 -12.69 -23.67
C LYS A 623 9.26 -13.60 -22.93
N LYS A 624 9.35 -14.86 -23.35
CA LYS A 624 10.24 -15.78 -22.67
C LYS A 624 11.70 -15.42 -22.90
N LYS A 625 12.05 -14.91 -24.09
CA LYS A 625 13.41 -14.48 -24.35
C LYS A 625 13.79 -13.29 -23.45
N LEU A 626 12.95 -12.27 -23.42
CA LEU A 626 13.20 -11.10 -22.58
C LEU A 626 13.24 -11.49 -21.11
N TYR A 627 12.40 -12.44 -20.69
CA TYR A 627 12.44 -12.88 -19.31
C TYR A 627 13.77 -13.55 -18.99
N SER A 628 14.31 -14.31 -19.96
CA SER A 628 15.57 -14.99 -19.72
C SER A 628 16.70 -13.97 -19.52
N TYR A 629 16.65 -12.85 -20.24
CA TYR A 629 17.60 -11.77 -19.97
C TYR A 629 17.47 -11.29 -18.53
N MET A 630 16.24 -11.06 -18.08
CA MET A 630 16.02 -10.58 -16.72
C MET A 630 16.52 -11.59 -15.69
N GLU A 631 16.28 -12.90 -15.92
CA GLU A 631 16.81 -13.90 -15.00
C GLU A 631 18.33 -13.87 -14.95
N THR A 632 18.97 -13.74 -16.13
CA THR A 632 20.41 -13.73 -16.18
C THR A 632 20.97 -12.51 -15.48
N HIS A 633 20.35 -11.34 -15.71
CA HIS A 633 20.77 -10.12 -15.03
C HIS A 633 20.71 -10.27 -13.52
N ARG A 634 19.63 -10.84 -13.00
CA ARG A 634 19.50 -11.04 -11.56
C ARG A 634 20.61 -11.95 -11.05
N GLU A 635 20.88 -13.03 -11.78
CA GLU A 635 21.95 -13.94 -11.43
C GLU A 635 23.29 -13.22 -11.41
N ILE A 636 23.58 -12.43 -12.45
CA ILE A 636 24.84 -11.69 -12.51
C ILE A 636 24.93 -10.69 -11.36
N SER A 637 23.81 -10.05 -11.02
CA SER A 637 23.78 -9.09 -9.92
C SER A 637 24.01 -9.77 -8.58
N HIS A 638 23.44 -10.96 -8.38
CA HIS A 638 23.70 -11.66 -7.12
C HIS A 638 25.18 -12.02 -6.99
N PHE A 639 25.75 -12.59 -8.03
CA PHE A 639 27.12 -13.06 -7.88
C PHE A 639 28.14 -11.95 -7.99
N LEU A 640 27.72 -10.76 -8.42
CA LEU A 640 28.57 -9.59 -8.26
C LEU A 640 28.98 -9.40 -6.81
N LEU A 641 28.01 -9.41 -5.90
CA LEU A 641 28.34 -9.21 -4.49
C LEU A 641 29.18 -10.37 -3.95
N LYS A 642 28.88 -11.60 -4.37
CA LYS A 642 29.71 -12.73 -3.94
C LYS A 642 31.14 -12.55 -4.44
N TYR A 643 31.29 -12.02 -5.66
CA TYR A 643 32.61 -11.75 -6.23
C TYR A 643 33.33 -10.64 -5.48
N LEU A 644 32.63 -9.56 -5.14
CA LEU A 644 33.25 -8.48 -4.36
C LEU A 644 33.70 -8.97 -2.99
N VAL A 645 32.86 -9.75 -2.30
CA VAL A 645 33.22 -10.26 -0.98
C VAL A 645 34.36 -11.25 -1.09
N TYR A 646 34.38 -12.05 -2.15
CA TYR A 646 35.48 -12.99 -2.37
C TYR A 646 36.80 -12.26 -2.52
N ASN A 647 36.80 -11.15 -3.25
CA ASN A 647 38.03 -10.41 -3.49
C ASN A 647 38.51 -9.68 -2.25
N LEU A 648 37.64 -9.53 -1.25
CA LEU A 648 38.04 -8.97 0.04
C LEU A 648 38.36 -10.04 1.06
N SER A 649 37.73 -11.21 0.96
CA SER A 649 37.82 -12.23 1.99
C SER A 649 37.57 -13.57 1.33
N PRO A 650 38.56 -14.09 0.60
CA PRO A 650 38.35 -15.36 -0.12
C PRO A 650 38.22 -16.54 0.82
N ASP A 651 37.46 -17.53 0.37
CA ASP A 651 37.39 -18.85 0.99
C ASP A 651 37.18 -19.85 -0.14
N LYS A 652 37.46 -21.13 0.16
CA LYS A 652 37.48 -22.16 -0.88
C LYS A 652 36.08 -22.46 -1.40
N GLU A 653 35.09 -22.44 -0.51
CA GLU A 653 33.72 -22.75 -0.91
C GLU A 653 33.21 -21.72 -1.92
N SER A 654 33.41 -20.43 -1.62
CA SER A 654 33.00 -19.39 -2.56
C SER A 654 33.80 -19.44 -3.85
N GLN A 655 35.08 -19.81 -3.76
N GLN A 655 35.09 -19.80 -3.78
CA GLN A 655 35.92 -19.95 -4.96
CA GLN A 655 35.87 -19.92 -5.00
C GLN A 655 35.31 -20.95 -5.93
C GLN A 655 35.25 -20.93 -5.95
N ILE A 656 34.81 -22.07 -5.42
CA ILE A 656 34.21 -23.10 -6.27
C ILE A 656 32.95 -22.56 -6.93
N ILE A 657 32.05 -21.98 -6.13
CA ILE A 657 30.78 -21.48 -6.65
C ILE A 657 31.02 -20.45 -7.75
N LEU A 658 31.90 -19.48 -7.48
CA LEU A 658 32.19 -18.45 -8.47
C LEU A 658 32.84 -19.05 -9.71
N SER A 659 33.74 -20.01 -9.52
CA SER A 659 34.37 -20.67 -10.67
C SER A 659 33.36 -21.44 -11.49
N ASP A 660 32.47 -22.18 -10.83
CA ASP A 660 31.38 -22.87 -11.53
C ASP A 660 30.53 -21.89 -12.33
N PHE A 661 30.17 -20.76 -11.71
CA PHE A 661 29.33 -19.78 -12.39
C PHE A 661 30.05 -19.19 -13.60
N LEU A 662 31.30 -18.76 -13.42
CA LEU A 662 32.07 -18.21 -14.54
C LEU A 662 32.24 -19.23 -15.65
N ARG A 663 32.45 -20.49 -15.29
CA ARG A 663 32.62 -21.52 -16.30
C ARG A 663 31.32 -21.77 -17.06
N MET A 664 30.19 -21.74 -16.35
CA MET A 664 28.90 -21.87 -17.01
C MET A 664 28.66 -20.76 -18.02
N HIS A 665 29.30 -19.60 -17.84
CA HIS A 665 29.13 -18.46 -18.74
C HIS A 665 30.35 -18.20 -19.60
N SER A 666 31.37 -19.07 -19.55
CA SER A 666 32.57 -18.94 -20.36
C SER A 666 33.28 -17.61 -20.08
N MET A 667 33.47 -17.31 -18.80
CA MET A 667 34.16 -16.09 -18.39
C MET A 667 35.15 -16.41 -17.28
N GLU A 668 35.82 -17.57 -17.39
CA GLU A 668 36.74 -18.01 -16.35
C GLU A 668 37.93 -17.08 -16.17
N HIS A 669 38.29 -16.30 -17.19
CA HIS A 669 39.37 -15.33 -17.06
C HIS A 669 39.06 -14.28 -16.00
N ILE A 670 37.80 -13.90 -15.86
CA ILE A 670 37.35 -12.94 -14.84
C ILE A 670 37.77 -13.39 -13.43
N LYS A 675 44.86 -6.78 -12.09
CA LYS A 675 45.10 -5.58 -11.31
C LYS A 675 44.08 -5.46 -10.18
N ILE A 676 43.82 -6.59 -9.52
CA ILE A 676 42.86 -6.67 -8.42
C ILE A 676 43.61 -7.09 -7.18
N ASN A 677 43.72 -6.19 -6.21
CA ASN A 677 44.28 -6.54 -4.91
C ASN A 677 43.29 -7.38 -4.12
N VAL A 678 43.79 -8.43 -3.49
CA VAL A 678 42.99 -9.24 -2.58
C VAL A 678 43.05 -8.63 -1.19
N GLY A 679 41.87 -8.46 -0.56
CA GLY A 679 41.76 -7.88 0.76
C GLY A 679 41.69 -6.36 0.81
N ASP A 680 41.69 -5.70 -0.34
CA ASP A 680 41.76 -4.24 -0.42
C ASP A 680 40.33 -3.71 -0.59
N GLY A 681 39.79 -3.08 0.46
CA GLY A 681 38.44 -2.57 0.53
C GLY A 681 38.26 -1.12 0.15
N SER A 682 39.27 -0.50 -0.47
N SER A 682 39.27 -0.49 -0.46
CA SER A 682 39.15 0.88 -0.92
CA SER A 682 39.13 0.89 -0.89
C SER A 682 38.11 0.98 -2.02
C SER A 682 38.13 0.99 -2.03
N LYS A 683 37.57 2.20 -2.19
CA LYS A 683 36.63 2.44 -3.29
C LYS A 683 37.27 2.16 -4.64
N GLU A 684 38.54 2.55 -4.79
CA GLU A 684 39.24 2.36 -6.06
C GLU A 684 39.36 0.89 -6.41
N ASN A 685 39.75 0.05 -5.44
CA ASN A 685 39.88 -1.37 -5.74
C ASN A 685 38.53 -1.99 -6.00
N ILE A 686 37.52 -1.62 -5.21
CA ILE A 686 36.18 -2.18 -5.40
C ILE A 686 35.65 -1.86 -6.79
N LEU A 687 35.82 -0.61 -7.24
CA LEU A 687 35.41 -0.24 -8.59
C LEU A 687 36.13 -1.05 -9.65
N ASN A 688 37.44 -1.28 -9.48
CA ASN A 688 38.19 -2.07 -10.45
C ASN A 688 37.67 -3.50 -10.50
N VAL A 689 37.33 -4.05 -9.34
CA VAL A 689 36.75 -5.40 -9.29
C VAL A 689 35.42 -5.42 -10.00
N MET A 690 34.58 -4.40 -9.77
CA MET A 690 33.27 -4.35 -10.40
C MET A 690 33.37 -4.14 -11.90
N THR A 691 34.32 -3.30 -12.36
CA THR A 691 34.56 -3.18 -13.79
C THR A 691 34.84 -4.53 -14.41
N ASN A 692 35.56 -5.40 -13.69
CA ASN A 692 35.86 -6.73 -14.20
C ASN A 692 34.60 -7.57 -14.28
N TRP A 693 33.78 -7.54 -13.24
CA TRP A 693 32.54 -8.30 -13.26
C TRP A 693 31.58 -7.79 -14.33
N GLN A 694 31.63 -6.49 -14.62
CA GLN A 694 30.75 -5.90 -15.62
C GLN A 694 30.97 -6.53 -17.01
N LEU A 695 32.14 -7.13 -17.25
CA LEU A 695 32.35 -7.86 -18.50
C LEU A 695 31.37 -9.02 -18.65
N ILE A 696 30.85 -9.55 -17.54
CA ILE A 696 29.85 -10.59 -17.66
C ILE A 696 28.51 -10.00 -18.08
N MET A 697 28.17 -8.83 -17.54
CA MET A 697 26.97 -8.14 -18.01
C MET A 697 27.08 -7.79 -19.48
N GLU A 698 28.29 -7.41 -19.94
CA GLU A 698 28.46 -7.14 -21.36
C GLU A 698 28.11 -8.36 -22.19
N LYS A 699 28.54 -9.54 -21.72
CA LYS A 699 28.28 -10.77 -22.47
C LYS A 699 26.79 -10.99 -22.64
N LEU A 700 26.02 -10.80 -21.57
CA LEU A 700 24.57 -10.86 -21.66
C LEU A 700 24.02 -9.86 -22.68
N LEU A 701 24.48 -8.61 -22.59
CA LEU A 701 23.88 -7.60 -23.44
C LEU A 701 24.32 -7.75 -24.90
N ARG A 702 25.45 -8.43 -25.16
CA ARG A 702 25.80 -8.76 -26.53
C ARG A 702 24.82 -9.77 -27.12
N ASP A 703 24.34 -10.71 -26.31
CA ASP A 703 23.26 -11.60 -26.76
C ASP A 703 21.98 -10.81 -27.03
N VAL A 704 21.63 -9.86 -26.14
CA VAL A 704 20.45 -9.03 -26.36
C VAL A 704 20.59 -8.25 -27.67
N GLU A 705 21.76 -7.67 -27.87
CA GLU A 705 22.03 -6.88 -29.08
C GLU A 705 21.89 -7.74 -30.33
N ALA A 706 22.48 -8.93 -30.30
CA ALA A 706 22.40 -9.82 -31.47
C ALA A 706 20.98 -10.28 -31.71
N ASP A 707 20.24 -10.60 -30.64
CA ASP A 707 18.84 -11.00 -30.82
C ASP A 707 18.03 -9.87 -31.41
N LEU A 708 18.33 -8.63 -31.00
CA LEU A 708 17.62 -7.50 -31.56
C LEU A 708 17.96 -7.34 -33.04
N ASN A 709 19.25 -7.40 -33.38
CA ASN A 709 19.66 -7.26 -34.78
C ASN A 709 19.11 -8.38 -35.66
N LYS A 710 19.01 -9.59 -35.13
CA LYS A 710 18.46 -10.72 -35.87
C LYS A 710 16.94 -10.68 -36.00
N GLY A 711 16.26 -9.77 -35.32
CA GLY A 711 14.82 -9.79 -35.32
C GLY A 711 14.19 -10.80 -34.38
N ILE A 712 14.99 -11.42 -33.50
CA ILE A 712 14.45 -12.37 -32.53
C ILE A 712 13.64 -11.64 -31.47
N ILE A 713 14.05 -10.43 -31.09
CA ILE A 713 13.20 -9.57 -30.29
C ILE A 713 12.93 -8.29 -31.07
N THR A 714 11.82 -7.63 -30.72
CA THR A 714 11.36 -6.44 -31.42
C THR A 714 11.52 -5.22 -30.54
N ASP A 715 12.09 -4.16 -31.09
CA ASP A 715 12.29 -2.91 -30.37
C ASP A 715 11.01 -2.10 -30.32
N SER A 716 11.01 -1.11 -29.44
CA SER A 716 9.91 -0.14 -29.44
C SER A 716 10.01 0.76 -30.66
N GLU A 717 8.94 1.53 -30.88
CA GLU A 717 8.90 2.39 -32.07
C GLU A 717 9.99 3.46 -32.02
N ASP A 718 10.35 3.94 -30.83
CA ASP A 718 11.40 4.94 -30.69
C ASP A 718 12.79 4.33 -30.53
N HIS A 719 12.95 3.03 -30.78
CA HIS A 719 14.26 2.38 -30.75
C HIS A 719 14.94 2.49 -29.40
N ARG A 720 14.16 2.31 -28.34
CA ARG A 720 14.70 2.48 -26.99
C ARG A 720 15.73 1.41 -26.63
N LEU A 721 15.49 0.15 -27.01
CA LEU A 721 16.48 -0.87 -26.69
C LEU A 721 17.78 -0.65 -27.47
N HIS A 722 17.67 -0.34 -28.76
CA HIS A 722 18.87 0.01 -29.51
C HIS A 722 19.63 1.16 -28.84
N ASN A 723 18.91 2.22 -28.48
CA ASN A 723 19.57 3.40 -27.92
C ASN A 723 20.20 3.10 -26.57
N THR A 724 19.47 2.43 -25.67
CA THR A 724 20.06 2.16 -24.36
C THR A 724 21.21 1.15 -24.44
N LEU A 725 21.12 0.16 -25.34
CA LEU A 725 22.25 -0.75 -25.51
C LEU A 725 23.49 0.01 -25.99
N LYS A 726 23.34 0.86 -27.00
CA LYS A 726 24.48 1.61 -27.53
C LYS A 726 25.14 2.44 -26.44
N ARG A 727 24.33 3.14 -25.64
CA ARG A 727 24.86 3.91 -24.52
C ARG A 727 25.54 3.02 -23.50
N TRP A 728 24.93 1.87 -23.17
CA TRP A 728 25.52 0.97 -22.18
C TRP A 728 26.93 0.54 -22.59
N PHE A 729 27.09 0.11 -23.85
CA PHE A 729 28.41 -0.32 -24.31
C PHE A 729 29.40 0.83 -24.22
N SER A 730 28.99 2.03 -24.62
CA SER A 730 29.91 3.17 -24.59
C SER A 730 30.23 3.61 -23.16
N ASP A 731 29.38 3.30 -22.20
CA ASP A 731 29.61 3.69 -20.81
C ASP A 731 30.34 2.65 -19.98
N MET A 732 30.78 1.54 -20.59
CA MET A 732 31.42 0.47 -19.81
C MET A 732 32.61 0.99 -19.02
N GLY A 733 32.72 0.55 -17.77
CA GLY A 733 33.82 0.94 -16.90
C GLY A 733 33.78 2.37 -16.42
N ASN A 734 32.83 3.17 -16.89
CA ASN A 734 32.56 4.50 -16.36
C ASN A 734 31.59 4.40 -15.19
N TRP A 735 31.93 5.02 -14.07
CA TRP A 735 31.10 4.93 -12.88
C TRP A 735 30.81 6.33 -12.33
N SER A 736 29.59 6.51 -11.80
CA SER A 736 29.15 7.77 -11.21
C SER A 736 27.88 7.58 -10.37
FE1 SF4 B . 7.65 -5.44 11.06
FE2 SF4 B . 5.97 -5.71 8.94
FE3 SF4 B . 6.47 -3.21 10.10
FE4 SF4 B . 4.96 -5.05 11.44
S1 SF4 B . 4.43 -4.03 9.45
S2 SF4 B . 6.66 -3.78 12.32
S3 SF4 B . 6.05 -6.99 10.84
S4 SF4 B . 7.96 -4.58 8.97
CO B12 C . 4.14 1.80 0.70
N21 B12 C . 4.39 2.06 2.55
N22 B12 C . 5.87 2.57 0.38
N23 B12 C . 3.60 1.75 -1.13
N24 B12 C . 2.45 1.14 1.22
C1 B12 C . 3.23 1.84 3.43
C20 B12 C . 2.43 3.13 3.50
C2 B12 C . 3.89 1.41 4.82
C25 B12 C . 3.06 1.79 6.06
C26 B12 C . 4.25 -0.09 4.79
C27 B12 C . 5.36 -0.54 5.78
O28 B12 C . 6.55 -0.62 5.44
N29 B12 C . 4.94 -0.81 7.01
C3 B12 C . 5.24 2.22 4.74
C30 B12 C . 5.16 3.64 5.35
C31 B12 C . 6.12 3.86 6.53
C32 B12 C . 5.52 3.42 7.85
O34 B12 C . 5.95 2.43 8.45
N33 B12 C . 4.52 4.16 8.29
C4 B12 C . 5.46 2.29 3.25
C5 B12 C . 6.78 2.59 2.64
C35 B12 C . 7.90 2.69 3.65
C6 B12 C . 6.92 2.74 1.28
C7 B12 C . 8.21 3.03 0.51
C36 B12 C . 9.02 4.22 1.06
C37 B12 C . 9.03 1.71 0.47
C38 B12 C . 10.43 2.00 -0.07
O39 B12 C . 10.61 2.21 -1.27
N40 B12 C . 11.42 1.98 0.81
C8 B12 C . 7.69 3.36 -0.91
C41 B12 C . 7.50 4.86 -1.19
C42 B12 C . 7.30 5.17 -2.68
C43 B12 C . 7.09 6.63 -3.01
O44 B12 C . 6.00 7.19 -2.78
N45 B12 C . 8.11 7.26 -3.57
C9 B12 C . 6.31 2.73 -0.88
C10 B12 C . 5.70 2.36 -2.08
C11 B12 C . 4.44 1.83 -2.16
C12 B12 C . 3.78 1.40 -3.45
C46 B12 C . 4.07 -0.09 -3.67
C47 B12 C . 4.31 2.20 -4.65
C13 B12 C . 2.25 1.58 -3.12
C48 B12 C . 1.65 2.99 -3.35
C49 B12 C . 0.87 3.10 -4.65
C50 B12 C . -0.20 4.19 -4.74
O51 B12 C . -0.72 4.65 -3.72
N52 B12 C . -0.53 4.57 -5.96
C14 B12 C . 2.32 1.40 -1.60
C15 B12 C . 1.26 0.90 -0.89
C53 B12 C . 0.00 0.47 -1.59
C16 B12 C . 1.38 0.76 0.60
C17 B12 C . 0.37 0.13 1.55
C54 B12 C . 0.53 -1.40 1.44
C55 B12 C . -1.13 0.54 1.45
C56 B12 C . -1.40 2.04 1.43
C57 B12 C . -2.86 2.19 1.81
O58 B12 C . -3.75 2.09 0.96
N59 B12 C . -3.12 2.40 3.09
C18 B12 C . 0.87 0.70 2.89
C60 B12 C . 0.44 -0.11 4.11
C61 B12 C . -0.77 0.52 4.78
O63 B12 C . -0.85 1.74 4.91
N62 B12 C . -1.71 -0.31 5.21
C19 B12 C . 2.39 0.78 2.67
C1P B12 C . -4.47 2.44 3.64
C2P B12 C . -4.93 3.91 3.89
C3P B12 C . -6.34 3.95 4.43
O3 B12 C . -4.09 4.49 4.89
O4 B12 C . -2.83 6.19 3.37
O5 B12 C . -2.34 5.97 5.85
P B12 C . -3.37 5.90 4.73
O2 B12 C . -4.55 6.93 5.09
C3R B12 C . -5.06 7.18 6.38
C2R B12 C . -4.24 8.19 7.20
O7R B12 C . -2.93 8.40 6.70
C1R B12 C . -5.09 9.45 7.09
O6R B12 C . -6.43 9.01 7.04
C4R B12 C . -6.48 7.78 6.29
C5R B12 C . -7.59 6.91 6.83
O8R B12 C . -7.41 6.62 8.22
N1B B12 C . -4.83 10.30 5.93
C8B B12 C . -5.34 11.58 5.82
C2B B12 C . -4.29 10.02 4.70
N3B B12 C . -4.42 10.98 3.82
C9B B12 C . -5.09 11.99 4.51
C4B B12 C . -5.50 13.24 4.08
C5B B12 C . -6.18 14.08 4.96
C5M B12 C . -6.61 15.45 4.48
C6B B12 C . -6.46 13.66 6.28
C6M B12 C . -7.23 14.54 7.24
C7B B12 C . -6.03 12.40 6.70
S1 DTT D . 5.69 -7.59 7.46
C1 DTT D . 4.90 -6.96 5.94
C2 DTT D . 5.62 -5.80 5.26
O2 DTT D . 6.76 -5.43 5.97
C3 DTT D . 4.79 -4.53 5.11
O3 DTT D . 5.35 -3.78 4.05
C4 DTT D . 3.34 -4.77 4.78
S4 DTT D . 2.67 -3.49 3.69
O1 MES E . -3.53 -9.44 21.28
C2 MES E . -2.70 -10.27 20.48
C3 MES E . -1.30 -10.42 21.09
N4 MES E . -0.75 -9.08 21.36
C5 MES E . -1.60 -8.15 22.10
C6 MES E . -2.99 -8.12 21.45
C7 MES E . 0.67 -9.07 21.68
C8 MES E . 1.13 -7.62 21.86
S MES E . 2.75 -7.57 22.21
O1S MES E . 3.52 -8.43 21.28
O2S MES E . 2.98 -8.07 23.59
O3S MES E . 3.20 -6.16 22.09
C1 EDO F . 7.94 -19.75 -6.74
O1 EDO F . 8.78 -20.70 -6.08
C2 EDO F . 7.26 -18.78 -5.76
O2 EDO F . 6.94 -17.56 -6.45
C1 EDO G . 10.38 -11.05 -7.47
O1 EDO G . 9.82 -9.77 -7.81
C2 EDO G . 9.62 -12.15 -8.18
O2 EDO G . 8.63 -12.70 -7.31
C1 EDO H . 21.16 -10.60 -3.51
O1 EDO H . 20.81 -11.92 -3.97
C2 EDO H . 19.91 -10.02 -2.83
O2 EDO H . 20.24 -8.76 -2.28
C1 EDO I . 17.82 -3.65 -8.04
O1 EDO I . 18.87 -4.62 -7.91
C2 EDO I . 17.41 -3.54 -9.50
O2 EDO I . 17.37 -4.85 -10.08
C1 EDO J . 6.55 -4.43 -30.19
O1 EDO J . 6.47 -3.72 -31.42
C2 EDO J . 7.40 -3.62 -29.20
O2 EDO J . 6.77 -3.62 -27.91
C1 EDO K . 23.62 -15.33 -29.48
O1 EDO K . 24.63 -14.33 -29.68
C2 EDO K . 22.26 -14.64 -29.35
O2 EDO K . 21.76 -14.29 -30.65
C1 EDO L . -6.95 27.10 20.82
O1 EDO L . -6.12 27.74 19.85
C2 EDO L . -8.38 26.93 20.29
O2 EDO L . -9.10 25.98 21.09
C1 EDO M . -6.71 19.54 25.24
O1 EDO M . -6.04 20.07 24.08
C2 EDO M . -7.76 20.53 25.73
O2 EDO M . -9.08 20.04 25.49
C1 EDO N . -21.32 5.38 15.48
O1 EDO N . -21.01 4.80 14.22
C2 EDO N . -22.72 5.98 15.41
O2 EDO N . -22.89 6.66 14.16
C1 EDO O . -37.13 -1.46 0.60
O1 EDO O . -36.67 -0.66 -0.48
C2 EDO O . -36.56 -2.86 0.40
O2 EDO O . -36.89 -3.70 1.50
C1 EDO P . -13.01 -16.46 14.05
O1 EDO P . -13.78 -17.07 15.09
C2 EDO P . -13.94 -15.86 12.99
O2 EDO P . -14.37 -14.57 13.43
C1 EDO Q . 38.98 1.66 3.59
O1 EDO Q . 38.24 2.87 3.71
C2 EDO Q . 38.02 0.51 3.29
O2 EDO Q . 38.60 -0.73 3.70
C1 EDO R . -13.10 27.32 12.43
O1 EDO R . -14.08 27.52 11.39
C2 EDO R . -13.55 28.04 13.69
O2 EDO R . -14.97 27.89 13.85
C1 EDO S . -0.68 2.93 18.89
O1 EDO S . 0.21 3.75 19.65
C2 EDO S . -1.16 1.75 19.68
O2 EDO S . -2.38 1.27 19.12
C1 EDO T . 13.51 -12.43 -13.35
O1 EDO T . 14.22 -13.02 -12.24
C2 EDO T . 12.42 -11.52 -12.81
O2 EDO T . 13.04 -10.40 -12.17
C1 EDO U . -0.17 30.64 5.03
O1 EDO U . -0.19 31.40 3.81
C2 EDO U . -1.54 30.67 5.71
O2 EDO U . -1.51 29.91 6.94
C1 EDO V . -1.15 -2.46 -6.42
O1 EDO V . -0.81 -1.89 -7.70
C2 EDO V . -0.38 -1.76 -5.31
O2 EDO V . -1.11 -1.86 -4.09
C1 EDO W . -25.02 -1.35 -3.07
O1 EDO W . -24.09 -2.43 -3.17
C2 EDO W . -26.40 -1.92 -2.75
O2 EDO W . -26.29 -2.61 -1.51
C1 EDO X . 11.74 -3.69 2.45
O1 EDO X . 12.52 -4.90 2.28
C2 EDO X . 10.89 -3.76 3.71
O2 EDO X . 9.93 -4.81 3.64
C1 EDO Y . 13.94 -0.56 3.72
O1 EDO Y . 15.18 0.12 3.43
C2 EDO Y . 13.52 -0.23 5.15
O2 EDO Y . 13.49 1.18 5.34
C1 EDO Z . -42.62 1.26 20.13
O1 EDO Z . -41.72 0.47 20.91
C2 EDO Z . -43.70 0.38 19.51
O2 EDO Z . -44.42 1.11 18.50
C1 EDO AA . 2.32 10.67 14.60
O1 EDO AA . 3.44 10.62 13.70
C2 EDO AA . 2.37 11.94 15.45
O2 EDO AA . 2.48 13.12 14.63
C1 EDO BA . 25.44 -15.78 -20.84
O1 EDO BA . 26.72 -15.44 -20.27
C2 EDO BA . 24.83 -14.53 -21.46
O2 EDO BA . 23.50 -14.82 -21.92
C1 EDO CA . 15.36 -7.59 -10.35
O1 EDO CA . 16.56 -8.36 -10.55
C2 EDO CA . 15.18 -7.27 -8.86
O2 EDO CA . 16.22 -6.40 -8.39
#